data_6L4C
#
_entry.id   6L4C
#
_cell.length_a   65.000
_cell.length_b   91.137
_cell.length_c   266.872
_cell.angle_alpha   90.00
_cell.angle_beta   90.00
_cell.angle_gamma   90.00
#
_symmetry.space_group_name_H-M   'P 21 21 21'
#
loop_
_entity.id
_entity.type
_entity.pdbx_description
1 polymer '48-kDa glycoprotein'
2 non-polymer 'COPPER (II) ION'
#
_entity_poly.entity_id   1
_entity_poly.type   'polypeptide(L)'
_entity_poly.pdbx_seq_one_letter_code
;QQRRDGKQICEEKARERQQEEGNSSEESYGKEQEENPYVFQDEHFESRVKTEEGRVQVLENFTKRSRLLSGIENFRLAIL
EANPHTFISPAHFDAELVLFVAKGRATITMVREEKRESFNVEHGDIIRIPAGTPVYMINRDENEKLFIVKILQPVSAPGH
FEAFYGAGGEDPESFYRAFSWEVLEAALKVRREQLEKVFGEQSKGSIVKASREKIRALSQHEEGPPRIWPFGGESSGPIN
LLHKHPSQSNQFGRLYEAHPDDHKQLQDLDLMVSFANITKGSMAGPYYNSRATKISVVVEGEGFFEMACPHLSSSSGSYQ
KISARLRRGVVFVAPAGHPVAVIASQNNNLQVLCFEVNAHGNSRFPLAGKGNIVNEFERDAKELAFNLPSREVERIFKNQ
DQAFFFPGPNKQQEEGGRGGRAFE
;
_entity_poly.pdbx_strand_id   A,B,C
#
# COMPACT_ATOMS: atom_id res chain seq x y z
N ASN A 36 -10.23 18.25 20.37
CA ASN A 36 -10.58 16.85 20.08
C ASN A 36 -10.09 16.46 18.69
N PRO A 37 -9.14 15.53 18.63
CA PRO A 37 -8.60 15.11 17.33
C PRO A 37 -9.57 14.30 16.49
N TYR A 38 -10.60 13.73 17.10
CA TYR A 38 -11.55 12.86 16.39
C TYR A 38 -12.80 13.60 15.92
N VAL A 39 -12.94 14.88 16.24
CA VAL A 39 -14.15 15.64 15.93
C VAL A 39 -13.79 16.82 15.03
N PHE A 40 -14.58 17.03 13.99
CA PHE A 40 -14.35 18.09 13.02
C PHE A 40 -15.61 18.96 12.95
N GLN A 41 -15.46 20.24 13.25
CA GLN A 41 -16.58 21.17 13.22
C GLN A 41 -16.64 21.85 11.85
N ASP A 42 -17.42 22.91 11.74
CA ASP A 42 -17.52 23.65 10.48
C ASP A 42 -16.26 24.47 10.19
N GLU A 43 -15.44 24.72 11.20
CA GLU A 43 -14.21 25.47 11.01
C GLU A 43 -13.11 24.66 10.36
N HIS A 44 -13.27 23.34 10.27
CA HIS A 44 -12.29 22.49 9.61
C HIS A 44 -12.58 22.27 8.14
N PHE A 45 -13.78 22.62 7.68
CA PHE A 45 -14.12 22.51 6.26
C PHE A 45 -13.64 23.73 5.49
N GLU A 46 -13.42 23.54 4.19
CA GLU A 46 -13.07 24.61 3.29
C GLU A 46 -13.97 24.52 2.06
N SER A 47 -14.67 25.62 1.75
CA SER A 47 -15.62 25.63 0.64
C SER A 47 -14.87 25.86 -0.66
N ARG A 48 -14.81 24.83 -1.50
CA ARG A 48 -14.20 24.95 -2.81
C ARG A 48 -15.18 25.45 -3.88
N VAL A 49 -16.47 25.27 -3.67
CA VAL A 49 -17.51 25.82 -4.54
C VAL A 49 -18.45 26.65 -3.66
N LYS A 50 -18.68 27.90 -4.07
CA LYS A 50 -19.53 28.80 -3.29
C LYS A 50 -20.19 29.78 -4.25
N THR A 51 -21.43 29.47 -4.64
CA THR A 51 -22.25 30.36 -5.44
C THR A 51 -23.58 30.60 -4.72
N GLU A 52 -24.35 31.56 -5.24
CA GLU A 52 -25.65 31.86 -4.67
C GLU A 52 -26.73 30.89 -5.11
N GLU A 53 -26.35 29.69 -5.54
CA GLU A 53 -27.31 28.63 -5.80
C GLU A 53 -26.85 27.28 -5.25
N GLY A 54 -25.71 27.22 -4.55
CA GLY A 54 -25.21 25.99 -3.97
C GLY A 54 -23.77 26.14 -3.52
N ARG A 55 -23.31 25.25 -2.64
CA ARG A 55 -21.94 25.30 -2.17
C ARG A 55 -21.45 23.87 -1.93
N VAL A 56 -20.13 23.72 -1.91
CA VAL A 56 -19.47 22.44 -1.69
C VAL A 56 -18.39 22.65 -0.63
N GLN A 57 -18.64 22.18 0.58
CA GLN A 57 -17.67 22.26 1.67
C GLN A 57 -16.85 20.98 1.71
N VAL A 58 -15.52 21.14 1.70
CA VAL A 58 -14.59 20.01 1.65
C VAL A 58 -13.88 19.93 3.00
N LEU A 59 -14.01 18.78 3.65
CA LEU A 59 -13.31 18.55 4.92
C LEU A 59 -11.80 18.56 4.70
N GLU A 60 -11.07 19.01 5.71
CA GLU A 60 -9.62 19.02 5.64
C GLU A 60 -9.07 17.60 5.68
N ASN A 61 -7.75 17.50 5.63
CA ASN A 61 -7.09 16.20 5.70
C ASN A 61 -7.13 15.66 7.13
N PHE A 62 -7.40 14.36 7.25
CA PHE A 62 -7.45 13.73 8.56
C PHE A 62 -6.09 13.71 9.25
N THR A 63 -5.01 13.81 8.48
CA THR A 63 -3.66 13.79 9.03
C THR A 63 -3.07 15.19 9.15
N LYS A 64 -3.87 16.23 8.94
CA LYS A 64 -3.35 17.60 8.96
C LYS A 64 -2.92 18.01 10.37
N ARG A 65 -3.85 17.99 11.32
CA ARG A 65 -3.52 18.41 12.68
C ARG A 65 -2.54 17.45 13.33
N SER A 66 -2.86 16.15 13.34
CA SER A 66 -2.03 15.16 13.99
C SER A 66 -1.82 13.97 13.07
N ARG A 67 -0.82 13.17 13.41
CA ARG A 67 -0.57 11.88 12.76
C ARG A 67 -1.40 10.76 13.37
N LEU A 68 -2.46 11.10 14.09
CA LEU A 68 -3.26 10.09 14.78
C LEU A 68 -4.13 9.32 13.80
N LEU A 69 -4.85 10.03 12.94
CA LEU A 69 -5.77 9.41 11.99
C LEU A 69 -5.06 9.01 10.70
N SER A 70 -3.90 8.35 10.84
CA SER A 70 -3.13 7.96 9.66
C SER A 70 -3.77 6.82 8.89
N GLY A 71 -4.71 6.09 9.51
CA GLY A 71 -5.37 5.00 8.82
C GLY A 71 -6.31 5.43 7.71
N ILE A 72 -6.72 6.71 7.72
CA ILE A 72 -7.60 7.24 6.68
C ILE A 72 -6.96 8.48 6.07
N GLU A 73 -5.63 8.48 5.97
CA GLU A 73 -4.94 9.60 5.34
C GLU A 73 -5.37 9.76 3.88
N ASN A 74 -5.53 8.66 3.17
CA ASN A 74 -5.92 8.69 1.76
C ASN A 74 -7.43 8.73 1.57
N PHE A 75 -8.14 9.51 2.39
CA PHE A 75 -9.57 9.67 2.25
C PHE A 75 -9.93 11.12 2.55
N ARG A 76 -10.85 11.66 1.77
CA ARG A 76 -11.34 13.03 1.98
C ARG A 76 -12.86 13.02 1.98
N LEU A 77 -13.43 13.99 2.67
CA LEU A 77 -14.88 14.12 2.81
C LEU A 77 -15.32 15.45 2.22
N ALA A 78 -16.54 15.47 1.69
CA ALA A 78 -17.09 16.68 1.09
C ALA A 78 -18.61 16.63 1.13
N ILE A 79 -19.22 17.79 1.34
CA ILE A 79 -20.67 17.93 1.41
C ILE A 79 -21.10 18.92 0.33
N LEU A 80 -22.16 18.57 -0.39
CA LEU A 80 -22.69 19.39 -1.49
C LEU A 80 -24.14 19.72 -1.19
N GLU A 81 -24.45 21.02 -1.16
CA GLU A 81 -25.82 21.48 -1.05
C GLU A 81 -26.17 22.30 -2.27
N ALA A 82 -27.41 22.18 -2.73
CA ALA A 82 -27.83 22.81 -3.98
C ALA A 82 -29.29 23.22 -3.90
N ASN A 83 -29.59 24.39 -4.44
CA ASN A 83 -30.96 24.89 -4.46
C ASN A 83 -31.80 24.10 -5.45
N PRO A 84 -33.13 24.18 -5.34
CA PRO A 84 -33.99 23.47 -6.30
C PRO A 84 -33.81 24.02 -7.71
N HIS A 85 -33.92 23.11 -8.68
CA HIS A 85 -33.79 23.45 -10.11
C HIS A 85 -32.46 24.13 -10.41
N THR A 86 -31.37 23.50 -9.99
CA THR A 86 -30.04 23.99 -10.25
C THR A 86 -29.21 22.93 -10.97
N PHE A 87 -28.09 23.36 -11.54
CA PHE A 87 -27.23 22.51 -12.34
C PHE A 87 -25.81 22.56 -11.80
N ILE A 88 -25.18 21.39 -11.69
CA ILE A 88 -23.80 21.27 -11.23
C ILE A 88 -22.91 21.01 -12.44
N SER A 89 -21.94 21.90 -12.66
CA SER A 89 -21.12 21.82 -13.87
C SER A 89 -20.35 20.51 -13.91
N PRO A 90 -20.11 19.98 -15.11
CA PRO A 90 -19.39 18.70 -15.21
C PRO A 90 -17.93 18.84 -14.81
N ALA A 91 -17.39 17.76 -14.25
CA ALA A 91 -16.00 17.70 -13.85
C ALA A 91 -15.63 16.25 -13.58
N HIS A 92 -14.33 15.98 -13.58
CA HIS A 92 -13.81 14.69 -13.15
C HIS A 92 -12.78 14.92 -12.06
N PHE A 93 -12.56 13.88 -11.26
CA PHE A 93 -11.64 13.94 -10.14
C PHE A 93 -10.52 12.92 -10.32
N ASP A 94 -9.36 13.23 -9.76
CA ASP A 94 -8.26 12.27 -9.69
C ASP A 94 -8.40 11.41 -8.43
N ALA A 95 -9.61 10.91 -8.21
CA ALA A 95 -9.93 10.18 -6.99
C ALA A 95 -11.18 9.35 -7.22
N GLU A 96 -11.22 8.19 -6.58
CA GLU A 96 -12.45 7.40 -6.55
C GLU A 96 -13.50 8.13 -5.73
N LEU A 97 -14.74 8.12 -6.23
CA LEU A 97 -15.81 8.90 -5.63
C LEU A 97 -17.00 8.00 -5.32
N VAL A 98 -17.43 8.02 -4.07
CA VAL A 98 -18.62 7.31 -3.61
C VAL A 98 -19.48 8.33 -2.89
N LEU A 99 -20.61 8.70 -3.50
CA LEU A 99 -21.48 9.73 -2.94
C LEU A 99 -22.78 9.15 -2.43
N PHE A 100 -23.34 9.80 -1.42
CA PHE A 100 -24.57 9.40 -0.77
C PHE A 100 -25.51 10.59 -0.73
N VAL A 101 -26.75 10.38 -1.15
CA VAL A 101 -27.74 11.46 -1.18
C VAL A 101 -28.44 11.52 0.17
N ALA A 102 -28.26 12.62 0.88
CA ALA A 102 -28.84 12.77 2.21
C ALA A 102 -30.23 13.40 2.18
N LYS A 103 -30.53 14.21 1.17
CA LYS A 103 -31.82 14.88 1.08
C LYS A 103 -32.04 15.41 -0.32
N GLY A 104 -33.23 15.18 -0.86
CA GLY A 104 -33.64 15.77 -2.12
C GLY A 104 -33.69 14.76 -3.25
N ARG A 105 -34.10 15.27 -4.41
CA ARG A 105 -34.16 14.50 -5.65
C ARG A 105 -33.06 14.98 -6.58
N ALA A 106 -32.52 14.05 -7.37
CA ALA A 106 -31.44 14.37 -8.28
C ALA A 106 -31.32 13.29 -9.33
N THR A 107 -30.47 13.54 -10.31
CA THR A 107 -30.10 12.55 -11.32
C THR A 107 -28.63 12.72 -11.67
N ILE A 108 -27.89 11.62 -11.64
CA ILE A 108 -26.44 11.62 -11.85
C ILE A 108 -26.15 11.12 -13.26
N THR A 109 -25.35 11.86 -14.01
CA THR A 109 -24.98 11.49 -15.37
C THR A 109 -23.48 11.30 -15.46
N MET A 110 -23.07 10.10 -15.88
CA MET A 110 -21.66 9.76 -16.05
C MET A 110 -21.40 9.36 -17.49
N VAL A 111 -20.20 9.66 -17.97
CA VAL A 111 -19.77 9.29 -19.32
C VAL A 111 -18.44 8.56 -19.17
N ARG A 112 -18.48 7.24 -19.07
CA ARG A 112 -17.26 6.45 -18.96
C ARG A 112 -16.73 6.09 -20.34
N GLU A 113 -16.76 4.81 -20.68
CA GLU A 113 -16.24 4.34 -21.96
C GLU A 113 -17.26 4.62 -23.04
N GLU A 114 -17.09 5.75 -23.74
CA GLU A 114 -17.91 6.14 -24.88
C GLU A 114 -19.38 6.34 -24.51
N LYS A 115 -20.04 5.31 -23.99
CA LYS A 115 -21.45 5.41 -23.66
C LYS A 115 -21.66 6.29 -22.42
N ARG A 116 -22.89 6.75 -22.25
CA ARG A 116 -23.26 7.65 -21.18
C ARG A 116 -24.44 7.09 -20.41
N GLU A 117 -24.36 7.13 -19.08
CA GLU A 117 -25.41 6.64 -18.20
C GLU A 117 -25.93 7.79 -17.35
N SER A 118 -27.24 7.75 -17.06
CA SER A 118 -27.88 8.77 -16.24
C SER A 118 -28.88 8.08 -15.32
N PHE A 119 -28.60 8.11 -14.02
CA PHE A 119 -29.43 7.49 -13.01
C PHE A 119 -30.16 8.56 -12.21
N ASN A 120 -31.48 8.42 -12.08
CA ASN A 120 -32.24 9.25 -11.18
C ASN A 120 -32.18 8.68 -9.77
N VAL A 121 -31.76 9.50 -8.81
CA VAL A 121 -31.53 9.03 -7.45
C VAL A 121 -32.34 9.89 -6.48
N GLU A 122 -32.69 9.29 -5.34
CA GLU A 122 -33.47 9.98 -4.32
C GLU A 122 -32.79 9.89 -2.96
N HIS A 123 -33.58 9.79 -1.90
CA HIS A 123 -33.05 9.77 -0.55
C HIS A 123 -32.37 8.42 -0.28
N GLY A 124 -31.08 8.48 0.05
CA GLY A 124 -30.36 7.29 0.47
C GLY A 124 -29.78 6.43 -0.62
N ASP A 125 -29.35 7.03 -1.74
CA ASP A 125 -28.76 6.30 -2.85
C ASP A 125 -27.24 6.36 -2.78
N ILE A 126 -26.60 5.24 -3.14
CA ILE A 126 -25.14 5.13 -3.17
C ILE A 126 -24.72 5.00 -4.62
N ILE A 127 -23.88 5.93 -5.08
CA ILE A 127 -23.44 5.97 -6.47
C ILE A 127 -21.92 5.94 -6.49
N ARG A 128 -21.36 4.92 -7.13
CA ARG A 128 -19.92 4.81 -7.32
C ARG A 128 -19.51 5.53 -8.60
N ILE A 129 -18.50 6.39 -8.50
CA ILE A 129 -18.01 7.13 -9.66
C ILE A 129 -16.53 6.81 -9.86
N PRO A 130 -16.16 6.10 -10.92
CA PRO A 130 -14.74 5.78 -11.14
C PRO A 130 -13.92 7.03 -11.32
N ALA A 131 -12.65 6.94 -10.93
CA ALA A 131 -11.75 8.08 -11.04
C ALA A 131 -11.60 8.51 -12.49
N GLY A 132 -11.64 9.83 -12.72
CA GLY A 132 -11.43 10.38 -14.04
C GLY A 132 -12.62 10.35 -14.96
N THR A 133 -13.77 9.80 -14.54
CA THR A 133 -14.96 9.81 -15.37
C THR A 133 -15.78 11.05 -15.06
N PRO A 134 -16.00 11.93 -16.03
CA PRO A 134 -16.76 13.17 -15.76
C PRO A 134 -18.16 12.86 -15.25
N VAL A 135 -18.72 13.84 -14.54
CA VAL A 135 -20.04 13.68 -13.94
C VAL A 135 -20.66 15.05 -13.68
N TYR A 136 -21.88 15.25 -14.16
CA TYR A 136 -22.69 16.40 -13.80
C TYR A 136 -24.03 15.91 -13.29
N MET A 137 -24.73 16.78 -12.56
CA MET A 137 -25.99 16.42 -11.93
C MET A 137 -26.83 17.67 -11.73
N ILE A 138 -28.10 17.45 -11.42
CA ILE A 138 -29.06 18.53 -11.19
C ILE A 138 -29.94 18.16 -10.00
N ASN A 139 -30.55 19.18 -9.40
CA ASN A 139 -31.53 19.01 -8.33
C ASN A 139 -32.91 19.15 -8.95
N ARG A 140 -33.47 18.02 -9.39
CA ARG A 140 -34.72 18.04 -10.14
C ARG A 140 -35.94 18.32 -9.26
N ASP A 141 -35.78 18.47 -7.95
CA ASP A 141 -36.89 18.82 -7.10
C ASP A 141 -37.15 20.33 -7.18
N GLU A 142 -38.41 20.71 -6.98
CA GLU A 142 -38.83 22.09 -7.11
C GLU A 142 -38.76 22.88 -5.80
N ASN A 143 -38.48 22.22 -4.68
CA ASN A 143 -38.46 22.91 -3.39
C ASN A 143 -37.32 22.42 -2.50
N GLU A 144 -37.16 21.10 -2.41
CA GLU A 144 -36.14 20.54 -1.53
C GLU A 144 -34.74 20.85 -2.05
N LYS A 145 -33.83 21.14 -1.12
CA LYS A 145 -32.43 21.30 -1.47
C LYS A 145 -31.75 19.94 -1.57
N LEU A 146 -30.80 19.83 -2.49
CA LEU A 146 -30.06 18.60 -2.71
C LEU A 146 -28.83 18.56 -1.81
N PHE A 147 -28.79 17.58 -0.91
CA PHE A 147 -27.66 17.39 -0.02
C PHE A 147 -27.01 16.05 -0.33
N ILE A 148 -25.73 16.08 -0.69
CA ILE A 148 -24.98 14.89 -1.06
C ILE A 148 -23.68 14.86 -0.26
N VAL A 149 -23.37 13.69 0.31
CA VAL A 149 -22.17 13.48 1.10
C VAL A 149 -21.20 12.66 0.27
N LYS A 150 -20.06 13.25 -0.07
CA LYS A 150 -19.05 12.61 -0.89
C LYS A 150 -17.91 12.10 -0.03
N ILE A 151 -17.36 10.94 -0.40
CA ILE A 151 -16.10 10.46 0.14
C ILE A 151 -15.18 10.16 -1.04
N LEU A 152 -13.94 10.61 -0.95
CA LEU A 152 -13.01 10.54 -2.07
C LEU A 152 -11.73 9.82 -1.65
N GLN A 153 -11.27 8.92 -2.51
CA GLN A 153 -9.98 8.25 -2.30
C GLN A 153 -9.04 8.66 -3.42
N PRO A 154 -8.09 9.57 -3.17
CA PRO A 154 -7.16 9.99 -4.23
C PRO A 154 -6.43 8.81 -4.85
N VAL A 155 -6.29 8.87 -6.18
CA VAL A 155 -5.68 7.77 -6.93
C VAL A 155 -4.24 8.07 -7.32
N SER A 156 -3.70 9.24 -6.94
CA SER A 156 -2.32 9.58 -7.22
C SER A 156 -1.66 10.00 -5.91
N ALA A 157 -1.43 11.29 -5.68
CA ALA A 157 -0.84 11.75 -4.43
C ALA A 157 -1.81 11.52 -3.28
N PRO A 158 -1.42 10.79 -2.24
CA PRO A 158 -2.38 10.45 -1.18
C PRO A 158 -2.82 11.68 -0.39
N GLY A 159 -4.12 11.73 -0.11
CA GLY A 159 -4.68 12.76 0.74
C GLY A 159 -5.07 14.05 0.05
N HIS A 160 -4.85 14.18 -1.26
CA HIS A 160 -5.14 15.40 -1.98
C HIS A 160 -5.84 15.09 -3.29
N PHE A 161 -6.74 15.97 -3.69
CA PHE A 161 -7.46 15.83 -4.95
C PHE A 161 -7.83 17.22 -5.46
N GLU A 162 -8.21 17.27 -6.74
CA GLU A 162 -8.70 18.48 -7.37
C GLU A 162 -9.81 18.13 -8.34
N ALA A 163 -10.69 19.09 -8.59
CA ALA A 163 -11.76 18.96 -9.57
C ALA A 163 -11.29 19.56 -10.89
N PHE A 164 -11.46 18.81 -11.97
CA PHE A 164 -11.04 19.22 -13.30
C PHE A 164 -12.29 19.59 -14.10
N TYR A 165 -12.49 20.89 -14.33
CA TYR A 165 -13.62 21.36 -15.12
C TYR A 165 -13.18 21.52 -16.57
N GLY A 166 -13.89 20.87 -17.49
CA GLY A 166 -13.58 20.97 -18.90
C GLY A 166 -14.50 21.92 -19.62
N ALA A 167 -15.79 21.83 -19.35
CA ALA A 167 -16.81 22.71 -19.93
C ALA A 167 -17.08 23.82 -18.93
N GLY A 168 -16.48 24.97 -19.17
CA GLY A 168 -16.66 26.11 -18.29
C GLY A 168 -16.20 27.40 -18.95
N GLY A 169 -15.67 28.30 -18.14
CA GLY A 169 -15.20 29.57 -18.64
C GLY A 169 -14.17 30.22 -17.73
N GLU A 170 -14.63 31.07 -16.82
CA GLU A 170 -13.74 31.77 -15.90
C GLU A 170 -13.88 31.26 -14.47
N ASP A 171 -15.06 31.39 -13.86
CA ASP A 171 -15.21 30.93 -12.48
C ASP A 171 -15.07 29.42 -12.40
N PRO A 172 -15.95 28.51 -13.22
CA PRO A 172 -15.55 27.10 -13.37
C PRO A 172 -14.48 27.01 -14.46
N GLU A 173 -13.26 27.39 -14.09
CA GLU A 173 -12.19 27.58 -15.05
C GLU A 173 -11.88 26.29 -15.79
N SER A 174 -12.10 26.29 -17.10
CA SER A 174 -11.81 25.12 -17.91
C SER A 174 -10.30 24.91 -18.01
N PHE A 175 -9.88 23.63 -17.99
CA PHE A 175 -8.47 23.34 -18.12
C PHE A 175 -7.95 23.55 -19.54
N TYR A 176 -8.83 23.78 -20.51
CA TYR A 176 -8.39 24.13 -21.85
C TYR A 176 -7.64 25.45 -21.86
N ARG A 177 -7.98 26.36 -20.94
CA ARG A 177 -7.28 27.64 -20.87
C ARG A 177 -5.82 27.49 -20.48
N ALA A 178 -5.43 26.33 -19.94
CA ALA A 178 -4.04 26.08 -19.59
C ALA A 178 -3.17 25.77 -20.80
N PHE A 179 -3.76 25.49 -21.96
CA PHE A 179 -3.02 25.25 -23.18
C PHE A 179 -2.98 26.50 -24.04
N SER A 180 -1.89 26.66 -24.79
CA SER A 180 -1.76 27.79 -25.69
C SER A 180 -2.80 27.71 -26.80
N TRP A 181 -3.18 28.88 -27.34
CA TRP A 181 -4.19 28.91 -28.39
C TRP A 181 -3.70 28.22 -29.64
N GLU A 182 -2.38 28.17 -29.87
CA GLU A 182 -1.85 27.46 -31.02
C GLU A 182 -2.06 25.95 -30.90
N VAL A 183 -2.02 25.42 -29.68
CA VAL A 183 -2.24 23.99 -29.47
C VAL A 183 -3.72 23.66 -29.61
N LEU A 184 -4.58 24.45 -28.98
CA LEU A 184 -6.02 24.20 -29.06
C LEU A 184 -6.54 24.38 -30.48
N GLU A 185 -5.97 25.34 -31.22
CA GLU A 185 -6.41 25.56 -32.59
C GLU A 185 -6.09 24.35 -33.47
N ALA A 186 -4.90 23.77 -33.29
CA ALA A 186 -4.50 22.65 -34.13
C ALA A 186 -5.24 21.37 -33.77
N ALA A 187 -5.48 21.14 -32.48
CA ALA A 187 -6.10 19.88 -32.05
C ALA A 187 -7.61 19.89 -32.25
N LEU A 188 -8.27 21.01 -31.94
CA LEU A 188 -9.72 21.11 -32.08
C LEU A 188 -10.15 21.53 -33.47
N LYS A 189 -9.24 22.08 -34.28
CA LYS A 189 -9.57 22.67 -35.59
C LYS A 189 -10.65 23.73 -35.46
N VAL A 190 -10.48 24.61 -34.48
CA VAL A 190 -11.39 25.72 -34.23
C VAL A 190 -10.58 26.99 -34.14
N ARG A 191 -11.16 28.09 -34.62
CA ARG A 191 -10.44 29.37 -34.70
C ARG A 191 -10.15 29.91 -33.30
N ARG A 192 -9.08 30.70 -33.22
CA ARG A 192 -8.63 31.25 -31.93
C ARG A 192 -9.68 32.17 -31.32
N GLU A 193 -10.31 33.01 -32.15
CA GLU A 193 -11.28 33.96 -31.64
C GLU A 193 -12.48 33.25 -31.01
N GLN A 194 -12.88 32.13 -31.59
CA GLN A 194 -14.01 31.39 -31.04
C GLN A 194 -13.62 30.64 -29.77
N LEU A 195 -12.36 30.23 -29.64
CA LEU A 195 -11.92 29.55 -28.43
C LEU A 195 -11.92 30.49 -27.24
N GLU A 196 -11.46 31.73 -27.44
CA GLU A 196 -11.48 32.71 -26.35
C GLU A 196 -12.90 33.12 -26.00
N LYS A 197 -13.81 33.11 -26.97
CA LYS A 197 -15.19 33.48 -26.70
C LYS A 197 -15.92 32.43 -25.88
N VAL A 198 -15.52 31.16 -26.02
CA VAL A 198 -16.19 30.06 -25.33
C VAL A 198 -15.58 29.81 -23.96
N PHE A 199 -14.25 29.78 -23.88
CA PHE A 199 -13.56 29.45 -22.64
C PHE A 199 -13.39 30.67 -21.75
N GLY A 200 -14.28 31.66 -21.89
CA GLY A 200 -14.17 32.86 -21.08
C GLY A 200 -15.49 33.46 -20.66
N GLU A 201 -16.59 32.93 -21.19
CA GLU A 201 -17.90 33.51 -20.94
C GLU A 201 -18.42 33.15 -19.54
N GLN A 202 -18.45 31.86 -19.22
CA GLN A 202 -19.06 31.40 -17.98
C GLN A 202 -18.27 31.90 -16.77
N SER A 203 -18.95 32.64 -15.89
CA SER A 203 -18.34 33.11 -14.65
C SER A 203 -19.27 33.00 -13.47
N LYS A 204 -20.39 32.28 -13.59
CA LYS A 204 -21.38 32.19 -12.53
C LYS A 204 -21.03 31.16 -11.46
N GLY A 205 -20.08 30.28 -11.72
CA GLY A 205 -19.67 29.28 -10.75
C GLY A 205 -20.02 27.87 -11.22
N SER A 206 -19.82 26.92 -10.30
CA SER A 206 -20.02 25.51 -10.63
C SER A 206 -21.48 25.09 -10.50
N ILE A 207 -22.25 25.77 -9.65
CA ILE A 207 -23.65 25.43 -9.41
C ILE A 207 -24.49 26.61 -9.88
N VAL A 208 -25.25 26.40 -10.95
CA VAL A 208 -25.99 27.46 -11.61
C VAL A 208 -27.46 27.05 -11.71
N LYS A 209 -28.35 28.03 -11.57
CA LYS A 209 -29.79 27.79 -11.70
C LYS A 209 -30.14 27.41 -13.13
N ALA A 210 -31.00 26.40 -13.28
CA ALA A 210 -31.49 25.96 -14.58
C ALA A 210 -33.00 26.04 -14.59
N SER A 211 -33.55 26.74 -15.58
CA SER A 211 -34.98 27.04 -15.65
C SER A 211 -35.67 26.02 -16.55
N ARG A 212 -36.32 25.04 -15.93
CA ARG A 212 -37.22 24.09 -16.57
C ARG A 212 -36.56 23.26 -17.67
N GLU A 213 -35.25 23.38 -17.85
CA GLU A 213 -34.52 22.41 -18.65
C GLU A 213 -34.12 21.18 -17.85
N LYS A 214 -34.63 21.08 -16.61
CA LYS A 214 -34.41 19.88 -15.81
C LYS A 214 -35.05 18.66 -16.46
N ILE A 215 -36.30 18.80 -16.91
CA ILE A 215 -37.02 17.69 -17.52
C ILE A 215 -36.27 17.17 -18.74
N ARG A 216 -35.57 18.06 -19.45
CA ARG A 216 -34.79 17.63 -20.60
C ARG A 216 -33.51 16.91 -20.20
N ALA A 217 -32.92 17.28 -19.07
CA ALA A 217 -31.67 16.71 -18.61
C ALA A 217 -31.86 15.57 -17.61
N LEU A 218 -33.06 14.99 -17.55
CA LEU A 218 -33.31 13.84 -16.70
C LEU A 218 -34.05 12.70 -17.40
N SER A 219 -34.57 12.91 -18.60
CA SER A 219 -35.33 11.88 -19.30
C SER A 219 -34.41 10.87 -19.98
N SER A 236 -23.73 -2.92 -10.63
CA SER A 236 -23.79 -1.63 -11.32
C SER A 236 -25.09 -0.90 -11.00
N GLY A 237 -25.02 0.43 -11.02
CA GLY A 237 -26.18 1.25 -10.74
C GLY A 237 -26.21 1.70 -9.29
N PRO A 238 -27.12 2.64 -8.98
CA PRO A 238 -27.22 3.13 -7.61
C PRO A 238 -27.68 2.05 -6.64
N ILE A 239 -27.36 2.27 -5.37
CA ILE A 239 -27.72 1.37 -4.28
C ILE A 239 -28.53 2.18 -3.28
N ASN A 240 -29.83 1.87 -3.18
CA ASN A 240 -30.69 2.56 -2.23
C ASN A 240 -30.50 1.90 -0.87
N LEU A 241 -29.74 2.56 0.00
CA LEU A 241 -29.43 1.98 1.31
C LEU A 241 -30.67 1.87 2.19
N LEU A 242 -31.51 2.92 2.19
CA LEU A 242 -32.71 2.91 3.03
C LEU A 242 -33.71 1.85 2.61
N HIS A 243 -33.64 1.37 1.36
CA HIS A 243 -34.54 0.33 0.88
C HIS A 243 -34.03 -1.07 1.20
N LYS A 244 -32.96 -1.19 1.96
CA LYS A 244 -32.47 -2.49 2.40
C LYS A 244 -33.08 -2.87 3.74
N HIS A 245 -33.06 -4.16 4.04
CA HIS A 245 -33.50 -4.63 5.34
C HIS A 245 -32.44 -4.29 6.38
N PRO A 246 -32.81 -3.67 7.50
CA PRO A 246 -31.80 -3.28 8.49
C PRO A 246 -31.10 -4.48 9.09
N SER A 247 -29.78 -4.38 9.23
CA SER A 247 -29.02 -5.44 9.88
C SER A 247 -29.38 -5.54 11.35
N GLN A 248 -29.58 -4.40 12.01
CA GLN A 248 -30.07 -4.35 13.38
C GLN A 248 -31.29 -3.46 13.41
N SER A 249 -32.37 -3.95 14.01
CA SER A 249 -33.62 -3.20 14.07
C SER A 249 -34.39 -3.57 15.32
N ASN A 250 -34.73 -2.56 16.12
CA ASN A 250 -35.66 -2.72 17.23
C ASN A 250 -36.41 -1.39 17.37
N GLN A 251 -37.00 -1.17 18.55
CA GLN A 251 -37.73 0.07 18.77
C GLN A 251 -36.81 1.27 18.92
N PHE A 252 -35.55 1.04 19.31
CA PHE A 252 -34.65 2.13 19.66
C PHE A 252 -33.68 2.50 18.54
N GLY A 253 -33.80 1.91 17.37
CA GLY A 253 -32.95 2.29 16.26
C GLY A 253 -32.92 1.23 15.19
N ARG A 254 -32.58 1.68 13.98
CA ARG A 254 -32.42 0.83 12.81
C ARG A 254 -31.05 1.07 12.20
N LEU A 255 -30.38 -0.01 11.81
CA LEU A 255 -29.04 0.06 11.24
C LEU A 255 -29.05 -0.54 9.84
N TYR A 256 -28.92 0.31 8.83
CA TYR A 256 -28.75 -0.11 7.44
C TYR A 256 -27.27 -0.09 7.09
N GLU A 257 -26.87 -1.03 6.23
CA GLU A 257 -25.47 -1.09 5.82
C GLU A 257 -25.38 -1.75 4.45
N ALA A 258 -24.37 -1.33 3.68
CA ALA A 258 -24.08 -1.88 2.36
C ALA A 258 -22.61 -2.30 2.36
N HIS A 259 -22.38 -3.61 2.52
CA HIS A 259 -21.02 -4.10 2.65
C HIS A 259 -20.38 -4.30 1.27
N PRO A 260 -19.07 -4.04 1.14
CA PRO A 260 -18.42 -4.24 -0.16
C PRO A 260 -18.53 -5.67 -0.68
N ASP A 261 -18.69 -6.66 0.19
CA ASP A 261 -18.81 -8.04 -0.26
C ASP A 261 -20.15 -8.31 -0.95
N ASP A 262 -21.10 -7.38 -0.89
CA ASP A 262 -22.43 -7.60 -1.46
C ASP A 262 -22.79 -6.59 -2.54
N HIS A 263 -21.84 -5.79 -3.02
CA HIS A 263 -22.23 -4.70 -3.92
C HIS A 263 -21.24 -4.37 -5.02
N LYS A 264 -20.05 -4.98 -5.06
CA LYS A 264 -19.09 -4.81 -6.15
C LYS A 264 -18.62 -3.37 -6.31
N GLN A 265 -19.57 -2.42 -6.45
CA GLN A 265 -19.22 -1.02 -6.59
C GLN A 265 -18.34 -0.54 -5.45
N LEU A 266 -18.72 -0.89 -4.21
CA LEU A 266 -17.90 -0.54 -3.05
C LEU A 266 -16.68 -1.42 -2.90
N GLN A 267 -16.70 -2.61 -3.52
CA GLN A 267 -15.62 -3.59 -3.31
C GLN A 267 -14.27 -3.04 -3.73
N ASP A 268 -14.25 -2.09 -4.67
CA ASP A 268 -12.99 -1.54 -5.14
C ASP A 268 -12.31 -0.69 -4.07
N LEU A 269 -13.08 -0.04 -3.21
CA LEU A 269 -12.54 0.79 -2.15
C LEU A 269 -12.46 0.10 -0.80
N ASP A 270 -13.04 -1.11 -0.69
CA ASP A 270 -13.16 -1.81 0.59
C ASP A 270 -13.86 -0.91 1.62
N LEU A 271 -14.97 -0.33 1.19
CA LEU A 271 -15.66 0.74 1.92
C LEU A 271 -17.12 0.36 2.08
N MET A 272 -17.56 0.22 3.32
CA MET A 272 -18.97 -0.01 3.62
C MET A 272 -19.65 1.30 3.96
N VAL A 273 -20.86 1.49 3.44
CA VAL A 273 -21.70 2.64 3.73
C VAL A 273 -22.81 2.18 4.67
N SER A 274 -22.94 2.86 5.80
CA SER A 274 -23.91 2.49 6.83
C SER A 274 -24.73 3.70 7.23
N PHE A 275 -25.93 3.42 7.72
CA PHE A 275 -26.83 4.45 8.23
C PHE A 275 -27.44 3.97 9.54
N ALA A 276 -27.66 4.90 10.46
CA ALA A 276 -28.20 4.57 11.78
C ALA A 276 -29.23 5.64 12.15
N ASN A 277 -30.49 5.24 12.24
CA ASN A 277 -31.58 6.12 12.66
C ASN A 277 -31.90 5.77 14.11
N ILE A 278 -31.31 6.53 15.03
CA ILE A 278 -31.44 6.25 16.46
C ILE A 278 -32.62 7.03 17.03
N THR A 279 -33.51 6.32 17.72
CA THR A 279 -34.69 6.95 18.29
C THR A 279 -34.30 7.95 19.38
N LYS A 280 -35.16 8.94 19.59
CA LYS A 280 -34.90 9.97 20.58
C LYS A 280 -34.68 9.36 21.96
N GLY A 281 -33.67 9.87 22.68
CA GLY A 281 -33.34 9.37 23.99
C GLY A 281 -32.57 8.06 23.97
N SER A 282 -32.74 7.28 22.91
CA SER A 282 -32.08 5.99 22.80
C SER A 282 -30.60 6.17 22.47
N MET A 283 -29.88 5.05 22.39
CA MET A 283 -28.45 5.08 22.15
C MET A 283 -28.04 3.88 21.32
N ALA A 284 -26.91 4.01 20.63
CA ALA A 284 -26.24 2.89 19.98
C ALA A 284 -25.15 2.43 20.92
N GLY A 285 -25.38 1.30 21.58
CA GLY A 285 -24.57 0.85 22.69
C GLY A 285 -23.09 0.71 22.37
N PRO A 286 -22.27 0.65 23.42
CA PRO A 286 -20.82 0.56 23.24
C PRO A 286 -20.43 -0.67 22.42
N TYR A 287 -19.72 -0.43 21.32
CA TYR A 287 -19.24 -1.49 20.46
C TYR A 287 -17.94 -1.03 19.81
N TYR A 288 -17.26 -1.96 19.16
CA TYR A 288 -16.04 -1.63 18.42
C TYR A 288 -15.97 -2.47 17.16
N ASN A 289 -15.46 -1.87 16.09
CA ASN A 289 -15.25 -2.59 14.85
C ASN A 289 -13.93 -3.36 14.91
N SER A 290 -13.97 -4.61 14.42
CA SER A 290 -12.79 -5.47 14.49
C SER A 290 -11.65 -4.94 13.65
N ARG A 291 -11.96 -4.24 12.55
CA ARG A 291 -10.92 -3.85 11.60
C ARG A 291 -11.23 -2.51 10.93
N ALA A 292 -12.51 -2.18 10.80
CA ALA A 292 -12.90 -1.00 10.06
C ALA A 292 -12.69 0.27 10.86
N THR A 293 -12.28 1.33 10.18
CA THR A 293 -12.24 2.67 10.73
C THR A 293 -13.48 3.41 10.24
N LYS A 294 -14.31 3.85 11.18
CA LYS A 294 -15.60 4.44 10.86
C LYS A 294 -15.46 5.96 10.77
N ILE A 295 -16.02 6.54 9.71
CA ILE A 295 -16.02 7.99 9.50
C ILE A 295 -17.48 8.41 9.50
N SER A 296 -17.98 8.82 10.66
CA SER A 296 -19.40 9.10 10.84
C SER A 296 -19.70 10.56 10.55
N VAL A 297 -20.83 10.80 9.90
CA VAL A 297 -21.31 12.14 9.57
C VAL A 297 -22.73 12.27 10.08
N VAL A 298 -22.99 13.32 10.87
CA VAL A 298 -24.32 13.55 11.43
C VAL A 298 -25.19 14.17 10.34
N VAL A 299 -26.15 13.40 9.85
CA VAL A 299 -27.03 13.89 8.80
C VAL A 299 -28.09 14.84 9.38
N GLU A 300 -28.77 14.40 10.43
CA GLU A 300 -29.83 15.20 11.03
C GLU A 300 -29.98 14.82 12.50
N GLY A 301 -30.28 15.81 13.32
CA GLY A 301 -30.56 15.61 14.73
C GLY A 301 -29.41 16.05 15.61
N GLU A 302 -29.62 15.88 16.92
CA GLU A 302 -28.64 16.23 17.93
C GLU A 302 -28.33 15.00 18.78
N GLY A 303 -27.32 15.13 19.62
CA GLY A 303 -26.88 14.03 20.47
C GLY A 303 -25.42 14.20 20.85
N PHE A 304 -24.83 13.09 21.25
CA PHE A 304 -23.40 13.06 21.60
C PHE A 304 -22.90 11.64 21.46
N PHE A 305 -21.57 11.50 21.51
CA PHE A 305 -20.93 10.20 21.42
C PHE A 305 -19.76 10.14 22.37
N GLU A 306 -19.41 8.92 22.77
CA GLU A 306 -18.29 8.68 23.67
C GLU A 306 -17.43 7.54 23.13
N MET A 307 -16.12 7.66 23.33
CA MET A 307 -15.17 6.68 22.81
C MET A 307 -14.04 6.51 23.80
N ALA A 308 -13.49 5.29 23.86
CA ALA A 308 -12.38 4.95 24.74
C ALA A 308 -11.11 4.86 23.88
N CYS A 309 -10.27 5.88 23.95
CA CYS A 309 -9.06 5.94 23.13
C CYS A 309 -7.83 5.75 23.99
N PRO A 310 -7.12 4.62 23.87
CA PRO A 310 -5.88 4.44 24.63
C PRO A 310 -4.66 5.12 24.00
N HIS A 311 -4.82 5.76 22.83
CA HIS A 311 -3.69 6.43 22.22
C HIS A 311 -3.48 7.83 22.80
N LEU A 312 -4.57 8.52 23.11
CA LEU A 312 -4.52 9.80 23.81
C LEU A 312 -4.53 9.60 25.32
N SER A 313 -4.16 8.41 25.79
CA SER A 313 -4.17 8.13 27.22
C SER A 313 -3.21 9.04 27.99
N SER A 314 -2.02 9.27 27.43
CA SER A 314 -0.93 9.95 28.13
C SER A 314 -0.55 9.23 29.43
N SER A 315 -0.74 7.91 29.45
CA SER A 315 -0.42 7.09 30.60
C SER A 315 0.05 5.73 30.11
N SER A 316 0.60 4.93 31.04
CA SER A 316 1.19 3.65 30.67
C SER A 316 0.18 2.75 29.97
N GLY A 317 -1.04 2.68 30.48
CA GLY A 317 -2.07 1.85 29.88
C GLY A 317 -3.47 2.30 30.22
N SER A 318 -3.80 3.53 29.88
CA SER A 318 -5.09 4.12 30.21
C SER A 318 -5.95 4.26 28.95
N TYR A 319 -7.16 4.80 29.14
CA TYR A 319 -8.10 5.03 28.06
C TYR A 319 -8.69 6.42 28.24
N GLN A 320 -8.29 7.35 27.36
CA GLN A 320 -8.81 8.70 27.42
C GLN A 320 -10.29 8.70 27.04
N LYS A 321 -11.06 9.56 27.70
CA LYS A 321 -12.48 9.71 27.43
C LYS A 321 -12.67 10.72 26.31
N ILE A 322 -13.04 10.25 25.12
CA ILE A 322 -13.30 11.11 23.98
C ILE A 322 -14.81 11.32 23.88
N SER A 323 -15.24 12.57 23.97
CA SER A 323 -16.65 12.90 23.91
C SER A 323 -16.84 14.25 23.23
N ALA A 324 -17.97 14.41 22.56
CA ALA A 324 -18.34 15.66 21.92
C ALA A 324 -19.81 15.62 21.57
N ARG A 325 -20.42 16.80 21.55
CA ARG A 325 -21.83 16.92 21.18
C ARG A 325 -21.99 16.76 19.67
N LEU A 326 -23.10 16.14 19.27
CA LEU A 326 -23.39 15.87 17.87
C LEU A 326 -24.50 16.79 17.39
N ARG A 327 -24.29 17.41 16.23
CA ARG A 327 -25.30 18.19 15.56
C ARG A 327 -25.09 18.04 14.06
N ARG A 328 -26.05 18.54 13.29
CA ARG A 328 -26.01 18.38 11.84
C ARG A 328 -24.75 19.02 11.27
N GLY A 329 -23.91 18.19 10.65
CA GLY A 329 -22.67 18.65 10.03
C GLY A 329 -21.41 18.22 10.75
N VAL A 330 -21.51 17.71 11.97
CA VAL A 330 -20.34 17.28 12.72
C VAL A 330 -19.87 15.92 12.19
N VAL A 331 -18.57 15.79 12.00
CA VAL A 331 -17.94 14.55 11.58
C VAL A 331 -17.06 14.05 12.71
N PHE A 332 -17.27 12.79 13.12
CA PHE A 332 -16.40 12.17 14.11
C PHE A 332 -15.94 10.81 13.59
N VAL A 333 -14.72 10.44 13.96
CA VAL A 333 -14.04 9.27 13.41
C VAL A 333 -13.75 8.30 14.56
N ALA A 334 -14.13 7.05 14.38
CA ALA A 334 -13.88 5.99 15.37
C ALA A 334 -12.94 4.95 14.79
N PRO A 335 -11.64 5.01 15.11
CA PRO A 335 -10.69 4.08 14.50
C PRO A 335 -10.98 2.63 14.87
N ALA A 336 -10.22 1.74 14.24
CA ALA A 336 -10.43 0.30 14.43
C ALA A 336 -10.17 -0.10 15.87
N GLY A 337 -11.00 -1.02 16.38
CA GLY A 337 -10.84 -1.56 17.71
C GLY A 337 -11.25 -0.63 18.84
N HIS A 338 -11.69 0.59 18.54
CA HIS A 338 -12.02 1.55 19.58
C HIS A 338 -13.47 1.39 20.01
N PRO A 339 -13.74 1.10 21.29
CA PRO A 339 -15.13 1.08 21.78
C PRO A 339 -15.78 2.45 21.64
N VAL A 340 -16.90 2.49 20.94
CA VAL A 340 -17.61 3.74 20.67
C VAL A 340 -19.08 3.56 20.99
N ALA A 341 -19.71 4.63 21.47
CA ALA A 341 -21.12 4.63 21.80
C ALA A 341 -21.73 5.95 21.36
N VAL A 342 -22.85 5.89 20.65
CA VAL A 342 -23.55 7.06 20.15
C VAL A 342 -24.89 7.16 20.87
N ILE A 343 -25.22 8.36 21.35
CA ILE A 343 -26.43 8.58 22.13
C ILE A 343 -27.24 9.69 21.48
N ALA A 344 -28.54 9.44 21.27
CA ALA A 344 -29.41 10.44 20.68
C ALA A 344 -29.95 11.39 21.74
N SER A 345 -30.32 12.59 21.30
CA SER A 345 -30.90 13.55 22.20
C SER A 345 -32.31 13.11 22.62
N GLN A 346 -32.75 13.62 23.77
CA GLN A 346 -34.05 13.23 24.31
C GLN A 346 -35.22 13.88 23.56
N ASN A 347 -34.97 14.89 22.75
CA ASN A 347 -36.04 15.59 22.04
C ASN A 347 -36.34 14.92 20.69
N ASN A 348 -35.38 14.92 19.78
CA ASN A 348 -35.54 14.36 18.45
C ASN A 348 -34.50 13.29 18.19
N ASN A 349 -34.65 12.60 17.06
CA ASN A 349 -33.79 11.49 16.72
C ASN A 349 -32.39 11.98 16.30
N LEU A 350 -31.50 11.01 16.11
CA LEU A 350 -30.13 11.27 15.67
C LEU A 350 -29.80 10.31 14.55
N GLN A 351 -29.62 10.84 13.34
CA GLN A 351 -29.40 10.04 12.14
C GLN A 351 -27.96 10.25 11.67
N VAL A 352 -27.22 9.14 11.54
CA VAL A 352 -25.79 9.18 11.28
C VAL A 352 -25.48 8.35 10.04
N LEU A 353 -24.71 8.93 9.13
CA LEU A 353 -24.17 8.22 7.97
C LEU A 353 -22.72 7.85 8.25
N CYS A 354 -22.34 6.62 7.95
CA CYS A 354 -21.03 6.10 8.31
C CYS A 354 -20.32 5.53 7.09
N PHE A 355 -19.11 6.00 6.84
CA PHE A 355 -18.20 5.42 5.85
C PHE A 355 -17.16 4.60 6.61
N GLU A 356 -17.20 3.29 6.43
CA GLU A 356 -16.36 2.37 7.21
C GLU A 356 -15.26 1.81 6.32
N VAL A 357 -14.10 2.47 6.34
CA VAL A 357 -12.94 2.02 5.58
C VAL A 357 -12.47 0.67 6.11
N ASN A 358 -11.96 -0.16 5.19
CA ASN A 358 -11.46 -1.50 5.51
C ASN A 358 -12.57 -2.38 6.08
N ALA A 359 -13.57 -2.63 5.25
CA ALA A 359 -14.78 -3.33 5.69
C ALA A 359 -14.73 -4.83 5.48
N HIS A 360 -13.80 -5.34 4.67
CA HIS A 360 -13.73 -6.78 4.45
C HIS A 360 -13.19 -7.47 5.69
N GLY A 361 -13.88 -8.53 6.12
CA GLY A 361 -13.52 -9.24 7.34
C GLY A 361 -13.87 -8.52 8.62
N ASN A 362 -14.43 -7.32 8.54
CA ASN A 362 -14.77 -6.56 9.73
C ASN A 362 -15.97 -7.16 10.45
N SER A 363 -15.94 -7.08 11.78
CA SER A 363 -17.03 -7.54 12.62
C SER A 363 -17.41 -6.45 13.61
N ARG A 364 -18.70 -6.33 13.88
CA ARG A 364 -19.20 -5.40 14.90
C ARG A 364 -19.31 -6.16 16.22
N PHE A 365 -18.30 -6.01 17.07
CA PHE A 365 -18.32 -6.64 18.38
C PHE A 365 -19.06 -5.76 19.37
N PRO A 366 -20.23 -6.15 19.85
CA PRO A 366 -20.94 -5.33 20.84
C PRO A 366 -20.50 -5.63 22.26
N LEU A 367 -20.30 -4.55 23.02
CA LEU A 367 -19.84 -4.64 24.40
C LEU A 367 -20.99 -4.61 25.40
N ALA A 368 -22.23 -4.59 24.92
CA ALA A 368 -23.41 -4.58 25.78
C ALA A 368 -24.60 -5.02 24.95
N GLY A 369 -25.49 -5.79 25.56
CA GLY A 369 -26.67 -6.25 24.84
C GLY A 369 -26.72 -7.74 24.65
N LYS A 370 -27.47 -8.18 23.63
CA LYS A 370 -27.67 -9.62 23.42
C LYS A 370 -26.36 -10.30 23.05
N GLY A 371 -25.67 -9.78 22.04
CA GLY A 371 -24.43 -10.40 21.58
C GLY A 371 -23.19 -9.86 22.25
N ASN A 372 -23.31 -9.50 23.53
CA ASN A 372 -22.18 -8.97 24.28
C ASN A 372 -20.98 -9.91 24.20
N ILE A 373 -19.82 -9.34 23.89
CA ILE A 373 -18.63 -10.16 23.66
C ILE A 373 -18.09 -10.71 24.98
N VAL A 374 -18.27 -9.97 26.08
CA VAL A 374 -17.69 -10.41 27.35
C VAL A 374 -18.46 -11.60 27.91
N ASN A 375 -19.77 -11.68 27.63
CA ASN A 375 -20.57 -12.79 28.14
C ASN A 375 -20.09 -14.12 27.59
N GLU A 376 -19.55 -14.13 26.36
CA GLU A 376 -19.09 -15.38 25.74
C GLU A 376 -17.93 -16.01 26.49
N PHE A 377 -17.24 -15.25 27.34
CA PHE A 377 -16.12 -15.78 28.09
C PHE A 377 -16.58 -16.93 28.98
N GLU A 378 -15.65 -17.83 29.28
CA GLU A 378 -15.97 -18.91 30.22
C GLU A 378 -15.99 -18.38 31.65
N ARG A 379 -16.79 -19.03 32.49
CA ARG A 379 -16.97 -18.57 33.86
C ARG A 379 -15.63 -18.48 34.60
N ASP A 380 -14.75 -19.44 34.37
CA ASP A 380 -13.41 -19.36 34.95
C ASP A 380 -12.70 -18.11 34.45
N ALA A 381 -12.69 -17.91 33.13
CA ALA A 381 -12.02 -16.74 32.56
C ALA A 381 -12.62 -15.43 33.07
N LYS A 382 -13.93 -15.41 33.34
CA LYS A 382 -14.52 -14.21 33.91
C LYS A 382 -14.01 -13.93 35.32
N GLU A 383 -13.70 -14.99 36.08
CA GLU A 383 -13.31 -14.79 37.48
C GLU A 383 -11.90 -14.21 37.58
N LEU A 384 -10.91 -14.87 36.97
CA LEU A 384 -9.54 -14.38 37.09
C LEU A 384 -9.36 -13.02 36.43
N ALA A 385 -10.14 -12.74 35.40
CA ALA A 385 -10.02 -11.43 34.74
C ALA A 385 -10.49 -10.31 35.65
N PHE A 386 -11.61 -10.51 36.33
CA PHE A 386 -12.14 -9.51 37.25
C PHE A 386 -11.66 -9.70 38.68
N ASN A 387 -10.99 -10.81 38.98
CA ASN A 387 -10.58 -11.17 40.35
C ASN A 387 -11.78 -11.20 41.29
N LEU A 388 -12.95 -11.52 40.76
CA LEU A 388 -14.20 -11.60 41.49
C LEU A 388 -14.85 -12.94 41.20
N PRO A 389 -15.74 -13.41 42.08
CA PRO A 389 -16.40 -14.70 41.82
C PRO A 389 -17.18 -14.68 40.52
N SER A 390 -17.20 -15.83 39.84
CA SER A 390 -17.86 -15.94 38.55
C SER A 390 -19.34 -15.58 38.64
N ARG A 391 -19.98 -15.88 39.78
CA ARG A 391 -21.41 -15.64 39.90
C ARG A 391 -21.74 -14.15 39.97
N GLU A 392 -20.81 -13.33 40.49
CA GLU A 392 -21.12 -11.92 40.67
C GLU A 392 -21.00 -11.12 39.37
N VAL A 393 -20.06 -11.50 38.50
CA VAL A 393 -19.80 -10.69 37.31
C VAL A 393 -20.77 -10.98 36.16
N GLU A 394 -21.46 -12.13 36.20
CA GLU A 394 -22.35 -12.49 35.09
C GLU A 394 -23.61 -11.62 35.07
N ARG A 395 -24.02 -11.09 36.22
CA ARG A 395 -25.27 -10.35 36.28
C ARG A 395 -25.21 -9.05 35.48
N ILE A 396 -24.02 -8.45 35.33
CA ILE A 396 -23.92 -7.15 34.70
C ILE A 396 -23.87 -7.22 33.18
N PHE A 397 -23.71 -8.41 32.61
CA PHE A 397 -23.64 -8.56 31.16
C PHE A 397 -24.82 -9.33 30.58
N LYS A 398 -25.60 -10.00 31.41
CA LYS A 398 -26.81 -10.70 30.98
C LYS A 398 -28.07 -9.91 31.26
N ASN A 399 -27.95 -8.71 31.85
CA ASN A 399 -29.11 -7.95 32.27
C ASN A 399 -29.73 -7.11 31.15
N GLN A 400 -29.07 -7.02 30.00
CA GLN A 400 -29.59 -6.27 28.86
C GLN A 400 -30.15 -7.25 27.84
N ASP A 401 -31.45 -7.15 27.59
CA ASP A 401 -32.12 -8.04 26.64
C ASP A 401 -32.07 -7.53 25.21
N GLN A 402 -32.08 -6.21 25.02
CA GLN A 402 -32.09 -5.65 23.69
C GLN A 402 -30.72 -5.79 23.02
N ALA A 403 -30.70 -5.61 21.71
CA ALA A 403 -29.50 -5.77 20.91
C ALA A 403 -29.14 -4.45 20.24
N PHE A 404 -27.86 -4.07 20.36
CA PHE A 404 -27.27 -2.94 19.64
C PHE A 404 -27.84 -1.59 20.07
N PHE A 405 -29.16 -1.44 20.09
CA PHE A 405 -29.81 -0.18 20.40
C PHE A 405 -30.51 -0.26 21.75
N PHE A 406 -30.23 0.70 22.62
CA PHE A 406 -30.77 0.75 23.97
C PHE A 406 -31.19 2.18 24.28
N PRO A 407 -32.01 2.37 25.32
CA PRO A 407 -32.33 3.73 25.76
C PRO A 407 -31.23 4.29 26.66
N GLY A 408 -31.32 5.59 26.93
CA GLY A 408 -30.35 6.25 27.78
C GLY A 408 -30.66 7.71 28.07
N PRO A 409 -31.25 7.96 29.23
CA PRO A 409 -31.67 9.31 29.61
C PRO A 409 -31.31 9.55 31.07
N ASN A 410 -30.44 10.52 31.30
CA ASN A 410 -30.04 10.90 32.66
C ASN A 410 -29.39 12.28 32.65
N ASN B 36 10.12 24.01 -12.74
CA ASN B 36 9.04 23.11 -13.14
C ASN B 36 9.06 21.83 -12.31
N PRO B 37 8.00 21.61 -11.53
CA PRO B 37 8.01 20.46 -10.60
C PRO B 37 7.86 19.11 -11.29
N TYR B 38 7.43 19.07 -12.55
CA TYR B 38 7.18 17.81 -13.25
C TYR B 38 8.25 17.47 -14.28
N VAL B 39 9.31 18.28 -14.41
CA VAL B 39 10.31 18.11 -15.44
C VAL B 39 11.65 17.85 -14.79
N PHE B 40 12.35 16.81 -15.26
CA PHE B 40 13.64 16.40 -14.72
C PHE B 40 14.64 16.38 -15.86
N GLN B 41 15.73 17.13 -15.72
CA GLN B 41 16.76 17.23 -16.74
C GLN B 41 18.06 16.60 -16.24
N ASP B 42 19.17 16.91 -16.91
CA ASP B 42 20.43 16.21 -16.65
C ASP B 42 20.92 16.45 -15.23
N GLU B 43 20.68 17.63 -14.68
CA GLU B 43 21.17 17.94 -13.33
C GLU B 43 20.43 17.16 -12.25
N HIS B 44 19.35 16.48 -12.58
CA HIS B 44 18.59 15.68 -11.62
C HIS B 44 19.00 14.21 -11.62
N PHE B 45 20.02 13.84 -12.39
CA PHE B 45 20.47 12.46 -12.49
C PHE B 45 21.77 12.26 -11.73
N GLU B 46 21.96 11.05 -11.22
CA GLU B 46 23.15 10.67 -10.47
C GLU B 46 23.87 9.56 -11.22
N SER B 47 25.15 9.77 -11.51
CA SER B 47 25.96 8.79 -12.24
C SER B 47 26.54 7.80 -11.24
N ARG B 48 25.77 6.75 -10.95
CA ARG B 48 26.24 5.71 -10.02
C ARG B 48 27.30 4.83 -10.66
N VAL B 49 27.33 4.73 -11.99
CA VAL B 49 28.36 3.99 -12.70
C VAL B 49 29.03 4.93 -13.68
N LYS B 50 30.36 5.02 -13.60
CA LYS B 50 31.15 5.89 -14.47
C LYS B 50 32.33 5.09 -14.99
N THR B 51 32.32 4.79 -16.29
CA THR B 51 33.37 4.02 -16.92
C THR B 51 33.66 4.60 -18.30
N GLU B 52 34.87 4.32 -18.80
CA GLU B 52 35.24 4.74 -20.15
C GLU B 52 34.42 4.02 -21.23
N GLU B 53 33.71 2.94 -20.87
CA GLU B 53 32.92 2.19 -21.83
C GLU B 53 31.41 2.32 -21.60
N GLY B 54 30.99 3.13 -20.62
CA GLY B 54 29.57 3.30 -20.39
C GLY B 54 29.32 3.97 -19.05
N ARG B 55 28.05 4.29 -18.83
CA ARG B 55 27.61 4.95 -17.62
C ARG B 55 26.18 4.53 -17.31
N VAL B 56 25.78 4.73 -16.05
CA VAL B 56 24.42 4.45 -15.59
C VAL B 56 23.97 5.65 -14.77
N GLN B 57 23.14 6.51 -15.38
CA GLN B 57 22.56 7.64 -14.68
C GLN B 57 21.27 7.22 -14.00
N VAL B 58 21.19 7.45 -12.69
CA VAL B 58 20.02 7.10 -11.89
C VAL B 58 19.30 8.40 -11.50
N LEU B 59 18.02 8.47 -11.83
CA LEU B 59 17.24 9.66 -11.52
C LEU B 59 17.02 9.79 -10.02
N GLU B 60 16.95 11.03 -9.55
CA GLU B 60 16.67 11.28 -8.15
C GLU B 60 15.25 10.84 -7.81
N ASN B 61 14.98 10.76 -6.50
CA ASN B 61 13.65 10.40 -6.05
C ASN B 61 12.65 11.51 -6.37
N PHE B 62 11.43 11.12 -6.74
CA PHE B 62 10.41 12.10 -7.09
C PHE B 62 9.94 12.92 -5.90
N THR B 63 10.29 12.52 -4.67
CA THR B 63 9.90 13.23 -3.47
C THR B 63 10.89 14.33 -3.11
N LYS B 64 12.16 14.19 -3.52
CA LYS B 64 13.22 15.09 -3.09
C LYS B 64 12.87 16.55 -3.35
N ARG B 65 12.38 16.86 -4.55
CA ARG B 65 12.05 18.24 -4.87
C ARG B 65 10.79 18.70 -4.16
N SER B 66 9.71 17.94 -4.29
CA SER B 66 8.44 18.31 -3.66
C SER B 66 7.59 17.05 -3.50
N ARG B 67 6.64 17.13 -2.57
CA ARG B 67 5.69 16.05 -2.35
C ARG B 67 4.61 15.99 -3.40
N LEU B 68 4.72 16.79 -4.47
CA LEU B 68 3.68 16.82 -5.49
C LEU B 68 3.60 15.50 -6.25
N LEU B 69 4.74 14.83 -6.45
CA LEU B 69 4.80 13.55 -7.15
C LEU B 69 4.78 12.38 -6.20
N SER B 70 4.03 12.49 -5.09
CA SER B 70 4.04 11.44 -4.06
C SER B 70 3.44 10.13 -4.55
N GLY B 71 2.70 10.15 -5.67
CA GLY B 71 2.09 8.93 -6.15
C GLY B 71 3.08 7.93 -6.71
N ILE B 72 4.23 8.40 -7.18
CA ILE B 72 5.25 7.53 -7.74
C ILE B 72 6.50 7.60 -6.86
N GLU B 73 6.29 7.73 -5.55
CA GLU B 73 7.42 7.84 -4.63
C GLU B 73 8.26 6.57 -4.62
N ASN B 74 7.60 5.40 -4.68
CA ASN B 74 8.30 4.13 -4.66
C ASN B 74 8.78 3.70 -6.04
N PHE B 75 9.15 4.65 -6.89
CA PHE B 75 9.70 4.35 -8.22
C PHE B 75 10.94 5.18 -8.46
N ARG B 76 11.94 4.56 -9.08
CA ARG B 76 13.17 5.24 -9.47
C ARG B 76 13.46 4.91 -10.93
N LEU B 77 14.15 5.84 -11.59
CA LEU B 77 14.46 5.71 -13.01
C LEU B 77 15.97 5.54 -13.19
N ALA B 78 16.35 4.87 -14.28
CA ALA B 78 17.75 4.67 -14.60
C ALA B 78 17.91 4.62 -16.11
N ILE B 79 19.08 5.04 -16.58
CA ILE B 79 19.43 5.03 -18.00
C ILE B 79 20.83 4.48 -18.15
N LEU B 80 20.96 3.37 -18.89
CA LEU B 80 22.24 2.69 -19.07
C LEU B 80 22.73 2.89 -20.49
N GLU B 81 23.92 3.46 -20.62
CA GLU B 81 24.60 3.60 -21.91
C GLU B 81 25.85 2.75 -21.91
N ALA B 82 26.16 2.15 -23.05
CA ALA B 82 27.29 1.24 -23.15
C ALA B 82 27.83 1.22 -24.58
N ASN B 83 29.16 1.20 -24.69
CA ASN B 83 29.80 1.15 -25.99
C ASN B 83 29.61 -0.22 -26.63
N PRO B 84 29.72 -0.32 -27.95
CA PRO B 84 29.55 -1.63 -28.61
C PRO B 84 30.64 -2.61 -28.18
N HIS B 85 30.25 -3.89 -28.12
CA HIS B 85 31.12 -4.97 -27.66
C HIS B 85 31.67 -4.68 -26.26
N THR B 86 30.75 -4.66 -25.31
CA THR B 86 31.09 -4.43 -23.91
C THR B 86 30.33 -5.42 -23.05
N PHE B 87 30.68 -5.46 -21.76
CA PHE B 87 30.09 -6.39 -20.81
C PHE B 87 29.65 -5.63 -19.56
N ILE B 88 28.42 -5.90 -19.12
CA ILE B 88 27.88 -5.33 -17.90
C ILE B 88 28.02 -6.37 -16.80
N SER B 89 28.68 -6.00 -15.70
CA SER B 89 28.96 -6.96 -14.63
C SER B 89 27.66 -7.48 -14.04
N PRO B 90 27.64 -8.75 -13.62
CA PRO B 90 26.42 -9.31 -13.03
C PRO B 90 26.14 -8.72 -11.66
N ALA B 91 24.87 -8.49 -11.37
CA ALA B 91 24.44 -7.96 -10.08
C ALA B 91 22.95 -8.22 -9.92
N HIS B 92 22.46 -8.02 -8.71
CA HIS B 92 21.04 -8.11 -8.41
C HIS B 92 20.62 -6.87 -7.63
N PHE B 93 19.34 -6.54 -7.74
CA PHE B 93 18.80 -5.33 -7.15
C PHE B 93 17.79 -5.67 -6.06
N ASP B 94 17.72 -4.80 -5.06
CA ASP B 94 16.67 -4.89 -4.03
C ASP B 94 15.36 -4.29 -4.49
N ALA B 95 15.03 -4.44 -5.78
CA ALA B 95 13.86 -3.81 -6.37
C ALA B 95 13.44 -4.60 -7.60
N GLU B 96 12.14 -4.57 -7.88
CA GLU B 96 11.63 -5.13 -9.13
C GLU B 96 12.05 -4.23 -10.29
N LEU B 97 12.70 -4.82 -11.29
CA LEU B 97 13.26 -4.07 -12.40
C LEU B 97 12.52 -4.41 -13.69
N VAL B 98 12.18 -3.38 -14.46
CA VAL B 98 11.61 -3.53 -15.79
C VAL B 98 12.37 -2.60 -16.71
N LEU B 99 13.18 -3.17 -17.60
CA LEU B 99 14.03 -2.39 -18.47
C LEU B 99 13.53 -2.44 -19.91
N PHE B 100 13.73 -1.34 -20.62
CA PHE B 100 13.31 -1.20 -22.01
C PHE B 100 14.50 -0.80 -22.85
N VAL B 101 14.72 -1.53 -23.94
CA VAL B 101 15.85 -1.27 -24.83
C VAL B 101 15.41 -0.17 -25.81
N ALA B 102 15.96 1.03 -25.64
CA ALA B 102 15.58 2.18 -26.45
C ALA B 102 16.48 2.41 -27.65
N LYS B 103 17.64 1.74 -27.71
CA LYS B 103 18.53 1.84 -28.86
C LYS B 103 19.57 0.73 -28.82
N GLY B 104 19.76 0.04 -29.95
CA GLY B 104 20.74 -1.03 -30.02
C GLY B 104 20.16 -2.38 -29.67
N ARG B 105 21.03 -3.39 -29.71
CA ARG B 105 20.65 -4.76 -29.41
C ARG B 105 21.61 -5.33 -28.38
N ALA B 106 21.11 -6.30 -27.61
CA ALA B 106 21.86 -6.85 -26.49
C ALA B 106 21.41 -8.28 -26.23
N THR B 107 22.18 -8.97 -25.38
CA THR B 107 21.86 -10.31 -24.91
C THR B 107 21.78 -10.26 -23.38
N ILE B 108 20.57 -10.42 -22.85
CA ILE B 108 20.34 -10.36 -21.41
C ILE B 108 20.24 -11.78 -20.88
N THR B 109 20.97 -12.08 -19.81
CA THR B 109 21.00 -13.40 -19.22
C THR B 109 20.71 -13.29 -17.73
N MET B 110 19.76 -14.10 -17.25
CA MET B 110 19.39 -14.14 -15.85
C MET B 110 19.57 -15.56 -15.33
N VAL B 111 20.01 -15.68 -14.08
CA VAL B 111 20.27 -16.99 -13.49
C VAL B 111 18.99 -17.58 -12.92
N ARG B 112 18.15 -16.75 -12.32
CA ARG B 112 16.83 -17.16 -11.80
C ARG B 112 17.05 -18.25 -10.74
N GLU B 113 16.10 -19.18 -10.62
CA GLU B 113 16.14 -20.22 -9.59
C GLU B 113 16.67 -21.51 -10.21
N GLU B 114 17.99 -21.67 -10.15
CA GLU B 114 18.67 -22.89 -10.58
C GLU B 114 18.43 -23.19 -12.06
N LYS B 115 18.15 -22.17 -12.87
CA LYS B 115 17.90 -22.36 -14.29
C LYS B 115 18.25 -21.06 -15.02
N ARG B 116 19.48 -20.98 -15.50
CA ARG B 116 19.93 -19.80 -16.24
C ARG B 116 19.15 -19.68 -17.55
N GLU B 117 18.64 -18.48 -17.82
CA GLU B 117 17.95 -18.19 -19.06
C GLU B 117 18.54 -16.93 -19.68
N SER B 118 18.76 -16.96 -20.99
CA SER B 118 19.34 -15.86 -21.73
C SER B 118 18.44 -15.48 -22.89
N PHE B 119 18.34 -14.19 -23.16
CA PHE B 119 17.48 -13.67 -24.21
C PHE B 119 18.25 -12.71 -25.09
N ASN B 120 18.05 -12.82 -26.40
CA ASN B 120 18.62 -11.89 -27.38
C ASN B 120 17.56 -10.88 -27.75
N VAL B 121 17.73 -9.64 -27.30
CA VAL B 121 16.73 -8.59 -27.48
C VAL B 121 17.33 -7.48 -28.34
N GLU B 122 16.46 -6.77 -29.05
CA GLU B 122 16.87 -5.65 -29.88
C GLU B 122 16.11 -4.39 -29.49
N HIS B 123 15.86 -3.51 -30.46
CA HIS B 123 15.19 -2.25 -30.19
C HIS B 123 13.71 -2.48 -29.90
N GLY B 124 13.24 -1.98 -28.76
CA GLY B 124 11.83 -2.04 -28.42
C GLY B 124 11.40 -3.31 -27.72
N ASP B 125 12.22 -3.79 -26.79
CA ASP B 125 11.92 -5.01 -26.03
C ASP B 125 11.81 -4.68 -24.56
N ILE B 126 10.78 -5.23 -23.92
CA ILE B 126 10.54 -5.06 -22.48
C ILE B 126 10.96 -6.35 -21.78
N ILE B 127 11.75 -6.22 -20.72
CA ILE B 127 12.26 -7.38 -19.98
C ILE B 127 11.98 -7.16 -18.50
N ARG B 128 11.39 -8.18 -17.87
CA ARG B 128 11.08 -8.15 -16.44
C ARG B 128 12.15 -8.93 -15.69
N ILE B 129 12.83 -8.25 -14.76
CA ILE B 129 13.84 -8.88 -13.91
C ILE B 129 13.27 -8.93 -12.49
N PRO B 130 13.01 -10.12 -11.94
CA PRO B 130 12.49 -10.20 -10.58
C PRO B 130 13.50 -9.63 -9.58
N ALA B 131 12.96 -9.12 -8.47
CA ALA B 131 13.81 -8.57 -7.42
C ALA B 131 14.71 -9.66 -6.85
N GLY B 132 15.99 -9.33 -6.69
CA GLY B 132 16.97 -10.28 -6.20
C GLY B 132 17.56 -11.19 -7.25
N THR B 133 16.90 -11.35 -8.40
CA THR B 133 17.41 -12.21 -9.46
C THR B 133 18.65 -11.58 -10.10
N PRO B 134 19.80 -12.25 -10.08
CA PRO B 134 20.98 -11.67 -10.72
C PRO B 134 20.84 -11.65 -12.23
N VAL B 135 21.52 -10.69 -12.86
CA VAL B 135 21.39 -10.50 -14.30
C VAL B 135 22.68 -9.88 -14.82
N TYR B 136 23.10 -10.32 -16.00
CA TYR B 136 24.21 -9.71 -16.73
C TYR B 136 23.85 -9.66 -18.20
N MET B 137 24.49 -8.73 -18.92
CA MET B 137 24.21 -8.56 -20.33
C MET B 137 25.41 -7.97 -21.02
N ILE B 138 25.42 -8.09 -22.35
CA ILE B 138 26.48 -7.58 -23.21
C ILE B 138 25.85 -6.70 -24.28
N ASN B 139 26.70 -6.10 -25.11
CA ASN B 139 26.27 -5.29 -26.25
C ASN B 139 26.78 -6.00 -27.51
N ARG B 140 25.99 -6.93 -28.01
CA ARG B 140 26.34 -7.79 -29.15
C ARG B 140 26.48 -7.04 -30.46
N ASP B 141 26.51 -5.72 -30.51
CA ASP B 141 26.64 -4.99 -31.77
C ASP B 141 28.08 -4.55 -31.98
N GLU B 142 28.45 -4.39 -33.25
CA GLU B 142 29.83 -4.03 -33.59
C GLU B 142 30.09 -2.54 -33.44
N ASN B 143 29.12 -1.71 -33.81
CA ASN B 143 29.35 -0.26 -33.82
C ASN B 143 28.25 0.58 -33.22
N GLU B 144 27.09 0.01 -32.87
CA GLU B 144 26.00 0.78 -32.29
C GLU B 144 26.01 0.61 -30.77
N LYS B 145 26.07 1.73 -30.05
CA LYS B 145 26.10 1.71 -28.60
C LYS B 145 24.71 1.40 -28.04
N LEU B 146 24.70 0.87 -26.81
CA LEU B 146 23.46 0.50 -26.16
C LEU B 146 22.82 1.71 -25.47
N PHE B 147 21.51 1.59 -25.23
CA PHE B 147 20.76 2.65 -24.56
C PHE B 147 19.50 2.02 -23.98
N ILE B 148 19.48 1.84 -22.66
CA ILE B 148 18.41 1.14 -21.97
C ILE B 148 17.82 2.05 -20.90
N VAL B 149 16.51 2.01 -20.73
CA VAL B 149 15.79 2.75 -19.69
C VAL B 149 15.25 1.76 -18.68
N LYS B 150 15.58 1.98 -17.41
CA LYS B 150 15.16 1.10 -16.32
C LYS B 150 14.19 1.82 -15.40
N ILE B 151 13.13 1.12 -15.01
CA ILE B 151 12.22 1.57 -13.96
C ILE B 151 12.29 0.56 -12.83
N LEU B 152 12.45 1.04 -11.60
CA LEU B 152 12.67 0.17 -10.46
C LEU B 152 11.61 0.42 -9.39
N GLN B 153 11.24 -0.66 -8.70
CA GLN B 153 10.24 -0.61 -7.64
C GLN B 153 10.82 -1.29 -6.41
N PRO B 154 11.34 -0.53 -5.44
CA PRO B 154 11.94 -1.15 -4.25
C PRO B 154 10.96 -2.00 -3.48
N VAL B 155 11.47 -3.10 -2.91
CA VAL B 155 10.66 -4.01 -2.11
C VAL B 155 10.80 -3.77 -0.62
N SER B 156 11.82 -3.03 -0.19
CA SER B 156 11.97 -2.65 1.22
C SER B 156 11.72 -1.16 1.39
N ALA B 157 12.77 -0.42 1.72
CA ALA B 157 12.67 1.02 1.91
C ALA B 157 12.16 1.70 0.64
N PRO B 158 11.01 2.36 0.68
CA PRO B 158 10.46 2.95 -0.55
C PRO B 158 11.32 4.10 -1.06
N GLY B 159 11.46 4.17 -2.38
CA GLY B 159 12.17 5.25 -3.03
C GLY B 159 13.68 5.13 -3.04
N HIS B 160 14.23 4.08 -2.45
CA HIS B 160 15.67 3.90 -2.36
C HIS B 160 16.05 2.48 -2.77
N PHE B 161 17.13 2.37 -3.53
CA PHE B 161 17.63 1.07 -3.96
C PHE B 161 19.14 1.15 -4.13
N GLU B 162 19.78 -0.02 -4.10
CA GLU B 162 21.20 -0.15 -4.36
C GLU B 162 21.45 -1.45 -5.10
N ALA B 163 22.50 -1.44 -5.92
CA ALA B 163 22.89 -2.63 -6.67
C ALA B 163 23.88 -3.46 -5.86
N PHE B 164 23.69 -4.77 -5.89
CA PHE B 164 24.54 -5.72 -5.16
C PHE B 164 25.40 -6.46 -6.17
N TYR B 165 26.61 -5.95 -6.39
CA TYR B 165 27.56 -6.60 -7.28
C TYR B 165 28.21 -7.77 -6.56
N GLY B 166 28.13 -8.96 -7.16
CA GLY B 166 28.68 -10.15 -6.56
C GLY B 166 30.11 -10.45 -6.99
N ALA B 167 30.50 -9.93 -8.15
CA ALA B 167 31.82 -10.18 -8.71
C ALA B 167 32.53 -8.85 -8.92
N GLY B 168 33.78 -8.77 -8.46
CA GLY B 168 34.58 -7.57 -8.62
C GLY B 168 35.46 -7.28 -7.42
N GLY B 169 36.31 -6.27 -7.54
CA GLY B 169 37.18 -5.87 -6.46
C GLY B 169 36.98 -4.43 -6.04
N GLU B 170 37.42 -3.49 -6.88
CA GLU B 170 37.20 -2.08 -6.62
C GLU B 170 35.99 -1.58 -7.40
N ASP B 171 36.10 -1.56 -8.72
CA ASP B 171 34.98 -1.23 -9.59
C ASP B 171 34.71 -2.39 -10.54
N PRO B 172 33.65 -3.16 -10.26
CA PRO B 172 32.74 -2.93 -9.14
C PRO B 172 33.21 -3.60 -7.85
N GLU B 173 32.57 -3.26 -6.73
CA GLU B 173 32.92 -3.80 -5.43
C GLU B 173 32.00 -4.96 -5.10
N SER B 174 32.58 -6.12 -4.80
CA SER B 174 31.80 -7.28 -4.44
C SER B 174 31.46 -7.26 -2.96
N PHE B 175 30.24 -7.69 -2.63
CA PHE B 175 29.82 -7.72 -1.23
C PHE B 175 30.50 -8.82 -0.42
N TYR B 176 31.25 -9.71 -1.06
CA TYR B 176 32.04 -10.68 -0.31
C TYR B 176 33.11 -10.00 0.53
N ARG B 177 33.60 -8.85 0.08
CA ARG B 177 34.65 -8.14 0.82
C ARG B 177 34.15 -7.57 2.14
N ALA B 178 32.84 -7.44 2.31
CA ALA B 178 32.31 -6.96 3.59
C ALA B 178 32.42 -8.03 4.66
N PHE B 179 32.34 -9.31 4.28
CA PHE B 179 32.55 -10.40 5.22
C PHE B 179 34.04 -10.55 5.52
N SER B 180 34.34 -10.93 6.76
CA SER B 180 35.72 -11.10 7.17
C SER B 180 36.33 -12.35 6.53
N TRP B 181 37.66 -12.40 6.55
CA TRP B 181 38.37 -13.55 5.98
C TRP B 181 38.08 -14.82 6.74
N GLU B 182 37.82 -14.72 8.05
CA GLU B 182 37.60 -15.91 8.87
C GLU B 182 36.28 -16.60 8.51
N VAL B 183 35.27 -15.83 8.13
CA VAL B 183 34.00 -16.43 7.76
C VAL B 183 34.03 -16.97 6.33
N LEU B 184 34.66 -16.23 5.42
CA LEU B 184 34.78 -16.68 4.04
C LEU B 184 35.66 -17.92 3.90
N GLU B 185 36.58 -18.13 4.84
CA GLU B 185 37.44 -19.31 4.78
C GLU B 185 36.64 -20.59 4.94
N ALA B 186 35.77 -20.64 5.95
CA ALA B 186 34.96 -21.82 6.23
C ALA B 186 33.68 -21.86 5.42
N ALA B 187 33.56 -21.02 4.38
CA ALA B 187 32.35 -20.95 3.58
C ALA B 187 32.43 -21.79 2.31
N LEU B 188 33.54 -21.73 1.58
CA LEU B 188 33.67 -22.43 0.31
C LEU B 188 35.00 -23.18 0.20
N LYS B 189 35.59 -23.57 1.32
CA LYS B 189 36.79 -24.41 1.35
C LYS B 189 37.92 -23.77 0.53
N VAL B 190 38.24 -22.52 0.88
CA VAL B 190 39.25 -21.76 0.15
C VAL B 190 40.11 -21.01 1.16
N ARG B 191 41.41 -20.97 0.90
CA ARG B 191 42.35 -20.26 1.77
C ARG B 191 42.08 -18.76 1.74
N ARG B 192 42.75 -18.04 2.64
CA ARG B 192 42.58 -16.60 2.71
C ARG B 192 43.40 -15.86 1.66
N GLU B 193 44.65 -16.26 1.48
CA GLU B 193 45.50 -15.62 0.47
C GLU B 193 45.06 -15.92 -0.94
N GLN B 194 44.26 -16.97 -1.14
CA GLN B 194 43.72 -17.26 -2.47
C GLN B 194 42.56 -16.34 -2.81
N LEU B 195 41.83 -15.85 -1.80
CA LEU B 195 40.73 -14.93 -2.04
C LEU B 195 41.23 -13.52 -2.34
N GLU B 196 42.35 -13.11 -1.74
CA GLU B 196 42.85 -11.76 -1.93
C GLU B 196 43.34 -11.52 -3.36
N LYS B 197 43.54 -12.59 -4.14
CA LYS B 197 43.94 -12.44 -5.54
C LYS B 197 42.75 -12.28 -6.46
N VAL B 198 41.63 -12.95 -6.16
CA VAL B 198 40.46 -12.89 -7.03
C VAL B 198 39.72 -11.57 -6.84
N PHE B 199 39.50 -11.17 -5.59
CA PHE B 199 38.76 -9.96 -5.27
C PHE B 199 39.63 -8.71 -5.31
N GLY B 200 40.76 -8.74 -6.00
CA GLY B 200 41.62 -7.58 -6.12
C GLY B 200 42.09 -7.34 -7.54
N GLU B 201 41.46 -8.02 -8.50
CA GLU B 201 41.84 -7.92 -9.90
C GLU B 201 41.00 -6.87 -10.64
N GLN B 202 39.69 -7.08 -10.69
CA GLN B 202 38.82 -6.19 -11.45
C GLN B 202 38.74 -4.81 -10.80
N SER B 203 38.90 -3.78 -11.62
CA SER B 203 38.85 -2.40 -11.12
C SER B 203 38.53 -1.42 -12.26
N LYS B 204 38.24 -1.95 -13.45
CA LYS B 204 37.92 -1.08 -14.57
C LYS B 204 36.55 -0.44 -14.40
N GLY B 205 35.58 -1.20 -13.92
CA GLY B 205 34.24 -0.69 -13.73
C GLY B 205 33.22 -1.80 -13.94
N SER B 206 31.95 -1.42 -13.84
CA SER B 206 30.85 -2.34 -14.07
C SER B 206 30.55 -2.53 -15.55
N ILE B 207 31.08 -1.68 -16.42
CA ILE B 207 30.93 -1.80 -17.86
C ILE B 207 32.32 -1.93 -18.44
N VAL B 208 32.72 -3.14 -18.79
CA VAL B 208 34.07 -3.42 -19.26
C VAL B 208 34.02 -3.87 -20.72
N LYS B 209 35.16 -3.74 -21.39
CA LYS B 209 35.29 -4.18 -22.77
C LYS B 209 35.43 -5.70 -22.83
N ALA B 210 35.07 -6.26 -23.98
CA ALA B 210 35.10 -7.70 -24.18
C ALA B 210 35.67 -8.03 -25.55
N SER B 211 36.31 -9.19 -25.64
CA SER B 211 36.84 -9.66 -26.90
C SER B 211 35.68 -10.08 -27.82
N ARG B 212 36.00 -10.20 -29.12
CA ARG B 212 34.96 -10.45 -30.11
C ARG B 212 34.42 -11.87 -30.05
N GLU B 213 35.12 -12.79 -29.38
CA GLU B 213 34.59 -14.15 -29.23
C GLU B 213 33.76 -14.30 -27.97
N LYS B 214 34.16 -13.66 -26.87
CA LYS B 214 33.34 -13.68 -25.66
C LYS B 214 31.95 -13.09 -25.94
N ILE B 215 31.89 -12.01 -26.72
CA ILE B 215 30.61 -11.50 -27.17
C ILE B 215 29.89 -12.54 -28.03
N ARG B 216 30.64 -13.24 -28.88
CA ARG B 216 30.05 -14.23 -29.75
C ARG B 216 29.57 -15.45 -28.98
N ALA B 217 30.21 -15.76 -27.84
CA ALA B 217 29.83 -16.94 -27.06
C ALA B 217 28.46 -16.75 -26.41
N LEU B 218 28.25 -15.61 -25.76
CA LEU B 218 26.97 -15.37 -25.09
C LEU B 218 25.86 -15.13 -26.10
N SER B 219 26.15 -14.38 -27.16
CA SER B 219 25.15 -14.06 -28.18
C SER B 219 24.92 -15.20 -29.16
N GLN B 220 25.54 -16.36 -28.95
CA GLN B 220 25.37 -17.47 -29.88
C GLN B 220 24.03 -18.17 -29.68
N HIS B 221 23.67 -18.45 -28.43
CA HIS B 221 22.45 -19.18 -28.12
C HIS B 221 21.70 -18.48 -27.00
N GLU B 222 20.41 -18.21 -27.22
CA GLU B 222 19.54 -17.69 -26.18
C GLU B 222 18.81 -18.85 -25.50
N GLU B 223 18.72 -18.77 -24.18
CA GLU B 223 18.19 -19.87 -23.37
C GLU B 223 16.79 -19.49 -22.88
N GLY B 224 15.80 -20.28 -23.28
CA GLY B 224 14.43 -20.04 -22.89
C GLY B 224 13.48 -21.01 -23.54
N PRO B 225 12.34 -21.27 -22.90
CA PRO B 225 11.36 -22.21 -23.46
C PRO B 225 10.76 -21.66 -24.74
N PRO B 226 10.21 -22.52 -25.60
CA PRO B 226 9.64 -22.04 -26.86
C PRO B 226 8.44 -21.12 -26.62
N ARG B 227 8.43 -20.00 -27.33
CA ARG B 227 7.38 -19.00 -27.23
C ARG B 227 6.93 -18.57 -28.62
N ILE B 228 5.66 -18.21 -28.74
CA ILE B 228 5.15 -17.71 -30.00
C ILE B 228 5.72 -16.32 -30.27
N TRP B 229 5.88 -15.99 -31.55
CA TRP B 229 6.47 -14.72 -31.94
C TRP B 229 5.51 -13.90 -32.79
N PRO B 230 5.44 -12.56 -32.57
CA PRO B 230 6.17 -11.75 -31.58
C PRO B 230 5.85 -12.07 -30.13
N PHE B 231 6.84 -11.88 -29.25
CA PHE B 231 6.72 -12.27 -27.85
C PHE B 231 5.71 -11.38 -27.14
N GLY B 232 4.58 -11.94 -26.75
CA GLY B 232 3.51 -11.21 -26.09
C GLY B 232 3.58 -11.33 -24.58
N GLY B 233 2.40 -11.41 -23.95
CA GLY B 233 2.33 -11.47 -22.50
C GLY B 233 1.66 -12.73 -21.98
N GLU B 234 1.44 -13.71 -22.86
CA GLU B 234 0.85 -14.97 -22.44
C GLU B 234 1.85 -15.89 -21.74
N SER B 235 3.14 -15.66 -21.94
CA SER B 235 4.18 -16.48 -21.32
C SER B 235 5.29 -15.57 -20.83
N SER B 236 6.14 -16.11 -19.96
CA SER B 236 7.22 -15.34 -19.39
C SER B 236 8.34 -15.14 -20.41
N GLY B 237 9.04 -14.02 -20.28
CA GLY B 237 10.09 -13.66 -21.20
C GLY B 237 9.92 -12.25 -21.73
N PRO B 238 10.81 -11.83 -22.62
CA PRO B 238 10.75 -10.46 -23.15
C PRO B 238 9.45 -10.21 -23.92
N ILE B 239 9.16 -8.92 -24.12
CA ILE B 239 7.97 -8.48 -24.82
C ILE B 239 8.40 -7.59 -25.98
N ASN B 240 7.93 -7.92 -27.18
CA ASN B 240 8.22 -7.12 -28.38
C ASN B 240 7.18 -6.03 -28.48
N LEU B 241 7.46 -4.88 -27.84
CA LEU B 241 6.49 -3.80 -27.80
C LEU B 241 6.27 -3.17 -29.16
N LEU B 242 7.31 -3.10 -30.00
CA LEU B 242 7.20 -2.47 -31.31
C LEU B 242 6.77 -3.43 -32.40
N HIS B 243 6.48 -4.69 -32.06
CA HIS B 243 6.05 -5.69 -33.03
C HIS B 243 4.56 -5.96 -32.99
N LYS B 244 3.80 -5.14 -32.26
CA LYS B 244 2.36 -5.32 -32.13
C LYS B 244 1.63 -4.14 -32.76
N HIS B 245 0.39 -4.39 -33.19
CA HIS B 245 -0.38 -3.35 -33.83
C HIS B 245 -0.65 -2.20 -32.86
N PRO B 246 -0.53 -0.96 -33.31
CA PRO B 246 -0.72 0.17 -32.38
C PRO B 246 -2.17 0.29 -31.94
N SER B 247 -2.35 0.68 -30.68
CA SER B 247 -3.69 0.95 -30.18
C SER B 247 -4.28 2.22 -30.81
N GLN B 248 -3.41 3.17 -31.14
CA GLN B 248 -3.79 4.37 -31.88
C GLN B 248 -2.76 4.58 -32.99
N SER B 249 -3.24 4.79 -34.21
CA SER B 249 -2.34 4.87 -35.36
C SER B 249 -3.01 5.63 -36.49
N ASN B 250 -2.33 6.66 -36.98
CA ASN B 250 -2.72 7.33 -38.21
C ASN B 250 -1.46 7.96 -38.82
N GLN B 251 -1.66 8.98 -39.67
CA GLN B 251 -0.52 9.62 -40.32
C GLN B 251 0.32 10.40 -39.33
N PHE B 252 -0.29 10.93 -38.27
CA PHE B 252 0.36 11.89 -37.38
C PHE B 252 1.00 11.25 -36.17
N GLY B 253 0.95 9.93 -36.03
CA GLY B 253 1.59 9.27 -34.92
C GLY B 253 1.07 7.87 -34.73
N ARG B 254 1.80 7.11 -33.90
CA ARG B 254 1.45 5.74 -33.58
C ARG B 254 1.75 5.49 -32.11
N LEU B 255 0.91 4.69 -31.46
CA LEU B 255 1.03 4.41 -30.03
C LEU B 255 1.03 2.89 -29.81
N TYR B 256 2.17 2.35 -29.39
CA TYR B 256 2.27 0.97 -28.97
C TYR B 256 2.24 0.91 -27.45
N GLU B 257 1.52 -0.07 -26.91
CA GLU B 257 1.38 -0.16 -25.46
C GLU B 257 1.22 -1.61 -25.03
N ALA B 258 1.63 -1.89 -23.80
CA ALA B 258 1.49 -3.22 -23.19
C ALA B 258 0.85 -3.03 -21.82
N HIS B 259 -0.40 -3.48 -21.69
CA HIS B 259 -1.18 -3.33 -20.46
C HIS B 259 -0.94 -4.52 -19.53
N PRO B 260 -0.92 -4.29 -18.21
CA PRO B 260 -0.69 -5.41 -17.29
C PRO B 260 -1.81 -6.44 -17.27
N ASP B 261 -2.99 -6.10 -17.79
CA ASP B 261 -4.12 -7.04 -17.72
C ASP B 261 -3.82 -8.31 -18.48
N ASP B 262 -3.18 -8.19 -19.65
CA ASP B 262 -2.82 -9.36 -20.44
C ASP B 262 -1.31 -9.44 -20.64
N HIS B 263 -0.56 -9.35 -19.55
CA HIS B 263 0.90 -9.45 -19.60
C HIS B 263 1.37 -9.99 -18.25
N LYS B 264 1.87 -11.24 -18.25
CA LYS B 264 2.38 -11.81 -17.02
C LYS B 264 3.57 -11.03 -16.46
N GLN B 265 4.39 -10.46 -17.35
CA GLN B 265 5.60 -9.77 -16.91
C GLN B 265 5.29 -8.48 -16.17
N LEU B 266 4.15 -7.86 -16.46
CA LEU B 266 3.82 -6.54 -15.92
C LEU B 266 2.67 -6.55 -14.93
N GLN B 267 1.90 -7.65 -14.85
CA GLN B 267 0.73 -7.68 -13.99
C GLN B 267 1.09 -7.51 -12.52
N ASP B 268 2.26 -8.02 -12.11
CA ASP B 268 2.68 -7.88 -10.72
C ASP B 268 2.84 -6.42 -10.32
N LEU B 269 3.25 -5.57 -11.25
CA LEU B 269 3.53 -4.16 -10.98
C LEU B 269 2.35 -3.24 -11.25
N ASP B 270 1.31 -3.73 -11.94
CA ASP B 270 0.20 -2.88 -12.40
C ASP B 270 0.74 -1.68 -13.19
N LEU B 271 1.76 -1.95 -14.01
CA LEU B 271 2.46 -0.91 -14.76
C LEU B 271 2.33 -1.19 -16.25
N MET B 272 1.78 -0.23 -16.98
CA MET B 272 1.72 -0.31 -18.43
C MET B 272 2.92 0.39 -19.04
N VAL B 273 3.52 -0.23 -20.05
CA VAL B 273 4.60 0.36 -20.82
C VAL B 273 4.04 0.79 -22.17
N SER B 274 4.25 2.05 -22.52
CA SER B 274 3.75 2.62 -23.76
C SER B 274 4.87 3.31 -24.51
N PHE B 275 4.73 3.37 -25.83
CA PHE B 275 5.66 4.07 -26.68
C PHE B 275 4.89 4.85 -27.73
N ALA B 276 5.30 6.09 -27.96
CA ALA B 276 4.61 6.98 -28.90
C ALA B 276 5.62 7.51 -29.92
N ASN B 277 5.33 7.29 -31.19
CA ASN B 277 6.14 7.80 -32.30
C ASN B 277 5.33 8.92 -32.95
N ILE B 278 5.45 10.12 -32.42
CA ILE B 278 4.70 11.27 -32.92
C ILE B 278 5.40 11.81 -34.15
N THR B 279 4.66 11.93 -35.25
CA THR B 279 5.23 12.48 -36.48
C THR B 279 5.67 13.93 -36.27
N LYS B 280 6.70 14.31 -37.01
CA LYS B 280 7.15 15.71 -36.98
C LYS B 280 6.01 16.64 -37.35
N GLY B 281 5.95 17.78 -36.69
CA GLY B 281 4.87 18.72 -36.92
C GLY B 281 3.51 18.26 -36.46
N SER B 282 3.43 17.11 -35.78
CA SER B 282 2.19 16.59 -35.25
C SER B 282 2.20 16.63 -33.72
N MET B 283 1.07 16.27 -33.13
CA MET B 283 0.91 16.36 -31.70
C MET B 283 0.02 15.22 -31.21
N ALA B 284 0.32 14.74 -30.00
CA ALA B 284 -0.57 13.84 -29.28
C ALA B 284 -1.57 14.71 -28.53
N GLY B 285 -2.79 14.78 -29.05
CA GLY B 285 -3.78 15.73 -28.62
C GLY B 285 -4.06 15.70 -27.12
N PRO B 286 -4.65 16.78 -26.60
CA PRO B 286 -4.95 16.84 -25.16
C PRO B 286 -5.76 15.65 -24.70
N TYR B 287 -5.25 14.95 -23.70
CA TYR B 287 -5.94 13.80 -23.13
C TYR B 287 -5.49 13.66 -21.68
N TYR B 288 -6.20 12.81 -20.94
CA TYR B 288 -5.83 12.53 -19.56
C TYR B 288 -6.14 11.08 -19.23
N ASN B 289 -5.33 10.51 -18.35
CA ASN B 289 -5.56 9.16 -17.87
C ASN B 289 -6.55 9.18 -16.72
N SER B 290 -7.37 8.12 -16.64
CA SER B 290 -8.40 8.08 -15.58
C SER B 290 -7.76 7.86 -14.22
N ARG B 291 -6.80 6.93 -14.11
CA ARG B 291 -6.13 6.70 -12.85
C ARG B 291 -4.64 6.42 -12.97
N ALA B 292 -4.09 6.36 -14.18
CA ALA B 292 -2.67 6.08 -14.36
C ALA B 292 -1.84 7.34 -14.26
N THR B 293 -0.67 7.23 -13.65
CA THR B 293 0.30 8.31 -13.59
C THR B 293 1.41 8.00 -14.58
N LYS B 294 1.57 8.86 -15.58
CA LYS B 294 2.48 8.62 -16.69
C LYS B 294 3.88 9.13 -16.36
N ILE B 295 4.87 8.27 -16.49
CA ILE B 295 6.27 8.65 -16.34
C ILE B 295 6.93 8.56 -17.71
N SER B 296 6.95 9.67 -18.44
CA SER B 296 7.37 9.67 -19.83
C SER B 296 8.86 10.01 -19.95
N VAL B 297 9.56 9.24 -20.77
CA VAL B 297 10.98 9.44 -21.03
C VAL B 297 11.17 9.62 -22.53
N VAL B 298 11.77 10.72 -22.93
CA VAL B 298 11.99 11.01 -24.35
C VAL B 298 13.20 10.23 -24.83
N VAL B 299 12.99 9.38 -25.83
CA VAL B 299 14.05 8.54 -26.36
C VAL B 299 14.82 9.23 -27.48
N GLU B 300 14.11 9.75 -28.47
CA GLU B 300 14.73 10.43 -29.60
C GLU B 300 13.75 11.41 -30.20
N GLY B 301 14.25 12.60 -30.52
CA GLY B 301 13.45 13.65 -31.12
C GLY B 301 13.41 14.90 -30.25
N GLU B 302 12.73 15.91 -30.78
CA GLU B 302 12.59 17.19 -30.11
C GLU B 302 11.14 17.65 -30.19
N GLY B 303 10.72 18.40 -29.17
CA GLY B 303 9.37 18.90 -29.11
C GLY B 303 9.12 19.61 -27.80
N PHE B 304 7.85 19.67 -27.41
CA PHE B 304 7.47 20.23 -26.13
C PHE B 304 6.12 19.65 -25.72
N PHE B 305 5.77 19.85 -24.45
CA PHE B 305 4.50 19.36 -23.93
C PHE B 305 3.89 20.41 -23.02
N GLU B 306 2.56 20.41 -22.96
CA GLU B 306 1.80 21.29 -22.10
C GLU B 306 0.86 20.47 -21.24
N MET B 307 0.61 20.93 -20.02
CA MET B 307 -0.20 20.20 -19.06
C MET B 307 -0.99 21.17 -18.21
N ALA B 308 -2.23 20.81 -17.90
CA ALA B 308 -3.11 21.59 -17.05
C ALA B 308 -3.05 21.05 -15.63
N CYS B 309 -2.67 21.90 -14.68
CA CYS B 309 -2.54 21.50 -13.28
C CYS B 309 -3.32 22.45 -12.38
N PRO B 310 -4.38 21.97 -11.72
CA PRO B 310 -5.05 22.79 -10.71
C PRO B 310 -4.37 22.76 -9.35
N HIS B 311 -3.60 21.70 -9.07
CA HIS B 311 -2.94 21.56 -7.76
C HIS B 311 -2.07 22.78 -7.44
N LEU B 312 -1.20 23.16 -8.36
CA LEU B 312 -0.44 24.39 -8.26
C LEU B 312 -0.94 25.33 -9.34
N SER B 313 -1.28 26.56 -8.96
CA SER B 313 -1.92 27.47 -9.90
C SER B 313 -1.83 28.88 -9.36
N SER B 314 -0.87 29.12 -8.48
CA SER B 314 -0.77 30.36 -7.73
C SER B 314 -2.12 30.68 -7.08
N SER B 315 -2.60 29.71 -6.30
CA SER B 315 -3.79 29.87 -5.45
C SER B 315 -5.03 30.21 -6.28
N SER B 316 -5.27 29.37 -7.28
CA SER B 316 -6.50 29.34 -8.07
C SER B 316 -6.75 30.62 -8.86
N GLY B 317 -5.77 31.50 -8.97
CA GLY B 317 -5.91 32.66 -9.83
C GLY B 317 -6.26 32.28 -11.26
N SER B 318 -5.58 31.27 -11.79
CA SER B 318 -5.81 30.72 -13.12
C SER B 318 -4.91 29.50 -13.28
N TYR B 319 -5.27 28.63 -14.22
CA TYR B 319 -4.41 27.50 -14.53
C TYR B 319 -3.03 27.97 -14.95
N GLN B 320 -1.99 27.37 -14.37
CA GLN B 320 -0.62 27.69 -14.74
C GLN B 320 -0.21 26.86 -15.94
N LYS B 321 0.24 27.53 -17.01
CA LYS B 321 0.65 26.85 -18.22
C LYS B 321 1.95 26.09 -18.01
N ILE B 322 1.86 24.82 -17.63
CA ILE B 322 3.04 24.00 -17.40
C ILE B 322 3.55 23.48 -18.74
N SER B 323 4.43 24.26 -19.36
CA SER B 323 5.07 23.89 -20.62
C SER B 323 6.55 23.64 -20.40
N ALA B 324 7.14 22.82 -21.26
CA ALA B 324 8.55 22.48 -21.13
C ALA B 324 9.07 21.99 -22.47
N ARG B 325 10.32 22.36 -22.78
CA ARG B 325 10.96 21.88 -23.99
C ARG B 325 11.38 20.43 -23.83
N LEU B 326 11.17 19.64 -24.89
CA LEU B 326 11.41 18.21 -24.84
C LEU B 326 12.53 17.83 -25.79
N ARG B 327 13.54 17.15 -25.25
CA ARG B 327 14.63 16.60 -26.04
C ARG B 327 15.00 15.24 -25.48
N ARG B 328 15.93 14.56 -26.14
CA ARG B 328 16.40 13.28 -25.65
C ARG B 328 17.07 13.44 -24.30
N GLY B 329 16.63 12.65 -23.32
CA GLY B 329 17.15 12.71 -21.97
C GLY B 329 16.27 13.45 -20.98
N VAL B 330 15.20 14.08 -21.45
CA VAL B 330 14.28 14.81 -20.58
C VAL B 330 13.17 13.86 -20.14
N VAL B 331 12.87 13.87 -18.84
CA VAL B 331 11.83 13.03 -18.27
C VAL B 331 10.79 13.94 -17.64
N PHE B 332 9.55 13.84 -18.12
CA PHE B 332 8.43 14.61 -17.58
C PHE B 332 7.34 13.66 -17.12
N VAL B 333 6.68 14.02 -16.01
CA VAL B 333 5.69 13.18 -15.36
C VAL B 333 4.34 13.89 -15.41
N ALA B 334 3.30 13.16 -15.78
CA ALA B 334 1.94 13.69 -15.82
C ALA B 334 1.07 12.91 -14.84
N PRO B 335 0.81 13.45 -13.65
CA PRO B 335 -0.03 12.73 -12.68
C PRO B 335 -1.42 12.46 -13.22
N ALA B 336 -2.06 11.43 -12.66
CA ALA B 336 -3.37 11.01 -13.11
C ALA B 336 -4.37 12.16 -13.06
N GLY B 337 -5.36 12.09 -13.94
CA GLY B 337 -6.38 13.11 -14.04
C GLY B 337 -5.96 14.39 -14.73
N HIS B 338 -4.67 14.56 -15.04
CA HIS B 338 -4.20 15.82 -15.60
C HIS B 338 -4.27 15.78 -17.12
N PRO B 339 -4.90 16.76 -17.75
CA PRO B 339 -4.81 16.87 -19.21
C PRO B 339 -3.38 17.14 -19.65
N VAL B 340 -2.95 16.42 -20.69
CA VAL B 340 -1.58 16.51 -21.18
C VAL B 340 -1.59 16.42 -22.70
N ALA B 341 -0.73 17.21 -23.33
CA ALA B 341 -0.57 17.21 -24.78
C ALA B 341 0.91 17.27 -25.11
N VAL B 342 1.34 16.44 -26.04
CA VAL B 342 2.74 16.37 -26.46
C VAL B 342 2.82 16.76 -27.94
N ILE B 343 3.57 17.81 -28.22
CA ILE B 343 3.70 18.36 -29.58
C ILE B 343 5.11 18.09 -30.07
N ALA B 344 5.21 17.53 -31.28
CA ALA B 344 6.50 17.23 -31.88
C ALA B 344 7.00 18.43 -32.68
N SER B 345 8.32 18.55 -32.76
CA SER B 345 8.92 19.62 -33.53
C SER B 345 8.61 19.47 -35.01
N GLN B 346 8.69 20.59 -35.73
CA GLN B 346 8.46 20.56 -37.17
C GLN B 346 9.58 19.86 -37.92
N ASN B 347 10.75 19.69 -37.29
CA ASN B 347 11.92 19.17 -37.99
C ASN B 347 11.88 17.65 -38.12
N ASN B 348 11.84 16.94 -36.99
CA ASN B 348 11.85 15.49 -37.00
C ASN B 348 10.89 14.97 -35.94
N ASN B 349 10.62 13.66 -36.01
CA ASN B 349 9.63 13.04 -35.14
C ASN B 349 10.06 13.12 -33.67
N LEU B 350 9.08 12.88 -32.79
CA LEU B 350 9.29 12.84 -31.36
C LEU B 350 8.84 11.48 -30.85
N GLN B 351 9.76 10.75 -30.23
CA GLN B 351 9.52 9.37 -29.80
C GLN B 351 9.70 9.30 -28.29
N VAL B 352 8.61 9.03 -27.57
CA VAL B 352 8.57 9.10 -26.11
C VAL B 352 8.22 7.72 -25.56
N LEU B 353 8.94 7.30 -24.53
CA LEU B 353 8.65 6.08 -23.79
C LEU B 353 7.83 6.44 -22.55
N CYS B 354 6.72 5.74 -22.34
CA CYS B 354 5.78 6.06 -21.27
C CYS B 354 5.72 4.92 -20.27
N PHE B 355 5.96 5.22 -19.00
CA PHE B 355 5.74 4.30 -17.89
C PHE B 355 4.50 4.77 -17.15
N GLU B 356 3.42 3.99 -17.21
CA GLU B 356 2.12 4.39 -16.67
C GLU B 356 1.80 3.50 -15.48
N VAL B 357 1.95 4.07 -14.28
CA VAL B 357 1.71 3.35 -13.03
C VAL B 357 0.22 3.36 -12.71
N ASN B 358 -0.25 2.29 -12.05
CA ASN B 358 -1.67 2.10 -11.74
C ASN B 358 -2.50 2.05 -13.02
N ALA B 359 -2.21 1.04 -13.83
CA ALA B 359 -2.80 0.93 -15.16
C ALA B 359 -4.11 0.16 -15.20
N HIS B 360 -4.36 -0.72 -14.22
CA HIS B 360 -5.61 -1.47 -14.23
C HIS B 360 -6.80 -0.54 -14.03
N GLY B 361 -7.86 -0.78 -14.80
CA GLY B 361 -9.01 0.09 -14.77
C GLY B 361 -8.77 1.48 -15.33
N ASN B 362 -7.59 1.76 -15.87
CA ASN B 362 -7.27 3.08 -16.40
C ASN B 362 -7.87 3.25 -17.79
N SER B 363 -8.66 4.29 -17.97
CA SER B 363 -9.21 4.67 -19.26
C SER B 363 -8.46 5.91 -19.76
N ARG B 364 -8.22 5.95 -21.07
CA ARG B 364 -7.51 7.07 -21.70
C ARG B 364 -8.55 7.96 -22.36
N PHE B 365 -8.92 9.03 -21.66
CA PHE B 365 -9.96 9.94 -22.16
C PHE B 365 -9.34 11.01 -23.05
N PRO B 366 -9.76 11.15 -24.29
CA PRO B 366 -9.26 12.24 -25.14
C PRO B 366 -10.13 13.48 -25.02
N LEU B 367 -9.47 14.63 -25.01
CA LEU B 367 -10.14 15.92 -24.88
C LEU B 367 -10.32 16.64 -26.20
N ALA B 368 -9.80 16.07 -27.29
CA ALA B 368 -9.93 16.66 -28.61
C ALA B 368 -9.86 15.56 -29.65
N GLY B 369 -10.60 15.74 -30.74
CA GLY B 369 -10.55 14.77 -31.82
C GLY B 369 -11.73 13.82 -31.85
N LYS B 370 -11.49 12.62 -32.36
CA LYS B 370 -12.56 11.64 -32.53
C LYS B 370 -12.85 10.96 -31.20
N GLY B 371 -14.13 10.89 -30.85
CA GLY B 371 -14.52 10.27 -29.59
C GLY B 371 -14.05 11.01 -28.36
N ASN B 372 -13.92 12.33 -28.43
CA ASN B 372 -13.49 13.09 -27.27
C ASN B 372 -14.59 13.07 -26.21
N ILE B 373 -14.20 13.28 -24.96
CA ILE B 373 -15.10 13.07 -23.85
C ILE B 373 -16.11 14.21 -23.73
N VAL B 374 -15.66 15.46 -23.94
CA VAL B 374 -16.55 16.61 -23.75
C VAL B 374 -17.67 16.61 -24.78
N ASN B 375 -17.49 15.93 -25.90
CA ASN B 375 -18.54 15.89 -26.92
C ASN B 375 -19.75 15.09 -26.46
N GLU B 376 -19.55 14.06 -25.64
CA GLU B 376 -20.61 13.14 -25.26
C GLU B 376 -21.61 13.74 -24.29
N PHE B 377 -21.40 14.98 -23.83
CA PHE B 377 -22.34 15.60 -22.92
C PHE B 377 -23.66 15.90 -23.64
N GLU B 378 -24.74 15.91 -22.87
CA GLU B 378 -26.03 16.28 -23.43
C GLU B 378 -26.00 17.73 -23.90
N ARG B 379 -26.81 18.03 -24.92
CA ARG B 379 -26.79 19.36 -25.51
C ARG B 379 -27.18 20.43 -24.50
N ASP B 380 -28.21 20.15 -23.69
CA ASP B 380 -28.64 21.11 -22.69
C ASP B 380 -27.61 21.29 -21.58
N ALA B 381 -26.76 20.28 -21.34
CA ALA B 381 -25.71 20.40 -20.34
C ALA B 381 -24.58 21.30 -20.81
N LYS B 382 -24.30 21.31 -22.13
CA LYS B 382 -23.26 22.20 -22.64
C LYS B 382 -23.70 23.65 -22.63
N GLU B 383 -25.00 23.91 -22.79
CA GLU B 383 -25.49 25.28 -22.75
C GLU B 383 -25.34 25.88 -21.36
N LEU B 384 -25.60 25.09 -20.32
CA LEU B 384 -25.48 25.59 -18.96
C LEU B 384 -24.03 25.67 -18.51
N ALA B 385 -23.21 24.69 -18.92
CA ALA B 385 -21.81 24.67 -18.50
C ALA B 385 -21.05 25.86 -19.05
N PHE B 386 -21.12 26.07 -20.36
CA PHE B 386 -20.40 27.18 -20.99
C PHE B 386 -21.12 28.52 -20.86
N ASN B 387 -22.43 28.51 -20.63
CA ASN B 387 -23.29 29.70 -20.64
C ASN B 387 -23.48 30.27 -22.04
N LEU B 388 -23.30 29.45 -23.07
CA LEU B 388 -23.53 29.83 -24.45
C LEU B 388 -24.61 28.93 -25.06
N PRO B 389 -25.27 29.39 -26.12
CA PRO B 389 -26.19 28.51 -26.85
C PRO B 389 -25.43 27.37 -27.53
N SER B 390 -26.19 26.38 -27.98
CA SER B 390 -25.59 25.19 -28.58
C SER B 390 -24.82 25.53 -29.86
N ARG B 391 -25.21 26.60 -30.55
CA ARG B 391 -24.56 26.97 -31.80
C ARG B 391 -23.11 27.40 -31.61
N GLU B 392 -22.73 27.78 -30.38
CA GLU B 392 -21.41 28.35 -30.14
C GLU B 392 -20.40 27.34 -29.58
N VAL B 393 -20.83 26.12 -29.24
CA VAL B 393 -19.96 25.22 -28.51
C VAL B 393 -19.95 23.82 -29.12
N GLU B 394 -21.06 23.43 -29.75
CA GLU B 394 -21.23 22.02 -30.14
C GLU B 394 -20.16 21.58 -31.13
N ARG B 395 -19.96 22.35 -32.19
CA ARG B 395 -19.01 21.94 -33.23
C ARG B 395 -17.55 22.18 -32.83
N ILE B 396 -17.29 22.63 -31.61
CA ILE B 396 -15.91 22.75 -31.15
C ILE B 396 -15.30 21.36 -30.96
N PHE B 397 -16.04 20.47 -30.29
CA PHE B 397 -15.61 19.11 -30.05
C PHE B 397 -16.12 18.14 -31.11
N LYS B 398 -16.55 18.64 -32.27
CA LYS B 398 -17.03 17.81 -33.37
C LYS B 398 -16.30 18.07 -34.67
N ASN B 399 -15.24 18.89 -34.65
CA ASN B 399 -14.63 19.39 -35.88
C ASN B 399 -13.20 18.88 -36.06
N GLN B 400 -12.92 17.67 -35.58
CA GLN B 400 -11.62 17.04 -35.80
C GLN B 400 -11.87 15.59 -36.21
N ASP B 401 -11.61 15.28 -37.49
CA ASP B 401 -11.88 13.95 -38.00
C ASP B 401 -10.90 12.92 -37.47
N GLN B 402 -9.69 13.35 -37.11
CA GLN B 402 -8.65 12.43 -36.68
C GLN B 402 -8.88 12.01 -35.22
N ALA B 403 -8.07 11.06 -34.77
CA ALA B 403 -8.17 10.52 -33.42
C ALA B 403 -6.80 10.49 -32.77
N PHE B 404 -6.72 11.00 -31.54
CA PHE B 404 -5.53 11.00 -30.70
C PHE B 404 -4.40 11.83 -31.29
N PHE B 405 -3.95 11.51 -32.50
CA PHE B 405 -2.86 12.22 -33.15
C PHE B 405 -3.41 13.22 -34.16
N PHE B 406 -2.92 14.47 -34.08
CA PHE B 406 -3.39 15.55 -34.93
C PHE B 406 -2.20 16.40 -35.41
N PRO B 407 -2.39 17.26 -36.41
CA PRO B 407 -1.31 18.19 -36.77
C PRO B 407 -1.05 19.18 -35.64
N GLY B 408 0.16 19.73 -35.65
CA GLY B 408 0.58 20.68 -34.63
C GLY B 408 0.36 22.12 -35.01
N ASN C 36 24.86 0.27 15.24
CA ASN C 36 24.27 -0.70 14.32
C ASN C 36 22.76 -0.55 14.30
N PRO C 37 22.23 0.05 13.23
CA PRO C 37 20.76 0.24 13.14
C PRO C 37 20.01 -1.07 12.94
N TYR C 38 20.67 -2.14 12.51
CA TYR C 38 20.01 -3.40 12.21
C TYR C 38 19.98 -4.36 13.38
N VAL C 39 20.33 -3.90 14.59
CA VAL C 39 20.42 -4.77 15.76
C VAL C 39 19.66 -4.12 16.90
N PHE C 40 18.86 -4.93 17.60
CA PHE C 40 18.07 -4.46 18.73
C PHE C 40 18.35 -5.35 19.93
N GLN C 41 18.92 -4.78 20.98
CA GLN C 41 19.17 -5.53 22.22
C GLN C 41 18.02 -5.34 23.18
N ASP C 42 18.28 -5.50 24.48
CA ASP C 42 17.23 -5.38 25.49
C ASP C 42 16.85 -3.93 25.73
N GLU C 43 17.77 -2.98 25.54
CA GLU C 43 17.49 -1.58 25.84
C GLU C 43 16.47 -0.98 24.88
N HIS C 44 16.21 -1.61 23.75
CA HIS C 44 15.25 -1.09 22.77
C HIS C 44 13.82 -1.56 23.03
N PHE C 45 13.63 -2.54 23.92
CA PHE C 45 12.29 -3.00 24.25
C PHE C 45 11.64 -2.06 25.26
N GLU C 46 10.36 -2.33 25.53
CA GLU C 46 9.58 -1.50 26.45
C GLU C 46 8.52 -2.39 27.07
N SER C 47 8.62 -2.63 28.38
CA SER C 47 7.69 -3.51 29.06
C SER C 47 6.35 -2.81 29.23
N ARG C 48 5.32 -3.30 28.52
CA ARG C 48 3.97 -2.80 28.70
C ARG C 48 3.23 -3.53 29.80
N VAL C 49 3.60 -4.78 30.07
CA VAL C 49 3.00 -5.58 31.13
C VAL C 49 4.11 -6.08 32.03
N LYS C 50 3.94 -5.90 33.33
CA LYS C 50 4.94 -6.36 34.31
C LYS C 50 4.20 -6.74 35.59
N THR C 51 4.16 -8.03 35.89
CA THR C 51 3.50 -8.55 37.08
C THR C 51 4.41 -9.57 37.74
N GLU C 52 3.96 -10.10 38.89
CA GLU C 52 4.73 -11.14 39.57
C GLU C 52 4.80 -12.41 38.72
N GLU C 53 3.72 -12.73 38.02
CA GLU C 53 3.62 -14.00 37.31
C GLU C 53 3.85 -13.87 35.81
N GLY C 54 4.09 -12.67 35.29
CA GLY C 54 4.30 -12.53 33.87
C GLY C 54 4.75 -11.14 33.48
N ARG C 55 5.15 -11.01 32.22
CA ARG C 55 5.63 -9.76 31.67
C ARG C 55 5.46 -9.81 30.16
N VAL C 56 5.30 -8.64 29.55
CA VAL C 56 5.21 -8.50 28.09
C VAL C 56 6.11 -7.36 27.66
N GLN C 57 7.09 -7.67 26.81
CA GLN C 57 8.03 -6.69 26.29
C GLN C 57 7.68 -6.39 24.83
N VAL C 58 7.59 -5.11 24.51
CA VAL C 58 7.22 -4.66 23.17
C VAL C 58 8.41 -3.91 22.57
N LEU C 59 8.87 -4.38 21.42
CA LEU C 59 9.97 -3.72 20.72
C LEU C 59 9.51 -2.39 20.13
N GLU C 60 10.44 -1.43 20.09
CA GLU C 60 10.14 -0.12 19.56
C GLU C 60 9.95 -0.18 18.04
N ASN C 61 9.43 0.91 17.48
CA ASN C 61 9.18 0.98 16.05
C ASN C 61 10.50 0.97 15.28
N PHE C 62 10.53 0.18 14.20
CA PHE C 62 11.75 0.05 13.42
C PHE C 62 12.13 1.34 12.71
N THR C 63 11.19 2.25 12.50
CA THR C 63 11.46 3.52 11.85
C THR C 63 11.85 4.62 12.84
N LYS C 64 12.08 4.26 14.10
CA LYS C 64 12.42 5.26 15.12
C LYS C 64 13.91 5.57 15.11
N ARG C 65 14.75 4.52 15.19
CA ARG C 65 16.19 4.74 15.21
C ARG C 65 16.70 5.31 13.90
N SER C 66 16.47 4.59 12.79
CA SER C 66 16.92 5.03 11.49
C SER C 66 15.83 4.76 10.45
N ARG C 67 15.88 5.53 9.37
CA ARG C 67 14.98 5.33 8.24
C ARG C 67 15.41 4.17 7.34
N LEU C 68 16.56 3.55 7.63
CA LEU C 68 17.02 2.43 6.82
C LEU C 68 15.99 1.31 6.78
N LEU C 69 15.34 1.04 7.91
CA LEU C 69 14.24 0.09 7.96
C LEU C 69 12.91 0.81 7.73
N SER C 70 12.83 1.45 6.56
CA SER C 70 11.58 2.14 6.20
C SER C 70 10.46 1.14 5.97
N GLY C 71 10.76 -0.01 5.38
CA GLY C 71 9.88 -1.14 5.46
C GLY C 71 9.83 -1.68 6.88
N ILE C 72 8.88 -2.58 7.12
CA ILE C 72 8.65 -3.17 8.44
C ILE C 72 8.20 -2.06 9.39
N GLU C 73 7.90 -0.88 8.85
CA GLU C 73 7.39 0.21 9.67
C GLU C 73 6.04 -0.15 10.29
N ASN C 74 5.20 -0.84 9.53
CA ASN C 74 3.90 -1.29 10.03
C ASN C 74 3.97 -2.67 10.66
N PHE C 75 5.07 -3.01 11.31
CA PHE C 75 5.23 -4.28 12.01
C PHE C 75 5.88 -4.01 13.36
N ARG C 76 5.29 -4.56 14.41
CA ARG C 76 5.84 -4.45 15.76
C ARG C 76 6.07 -5.84 16.32
N LEU C 77 7.06 -5.94 17.21
CA LEU C 77 7.48 -7.21 17.78
C LEU C 77 7.22 -7.20 19.28
N ALA C 78 6.66 -8.29 19.79
CA ALA C 78 6.31 -8.39 21.20
C ALA C 78 6.71 -9.76 21.75
N ILE C 79 7.14 -9.79 23.00
CA ILE C 79 7.55 -11.01 23.67
C ILE C 79 6.76 -11.14 24.97
N LEU C 80 6.15 -12.30 25.18
CA LEU C 80 5.33 -12.57 26.35
C LEU C 80 5.86 -13.82 27.05
N GLU C 81 6.12 -13.71 28.35
CA GLU C 81 6.53 -14.83 29.16
C GLU C 81 5.68 -14.90 30.43
N ALA C 82 5.43 -16.12 30.89
CA ALA C 82 4.48 -16.33 31.98
C ALA C 82 4.90 -17.54 32.81
N ASN C 83 4.48 -17.52 34.08
CA ASN C 83 4.79 -18.58 35.03
C ASN C 83 3.82 -19.76 34.88
N PRO C 84 4.18 -20.93 35.42
CA PRO C 84 3.28 -22.08 35.31
C PRO C 84 1.93 -21.82 35.99
N HIS C 85 0.88 -22.36 35.37
CA HIS C 85 -0.50 -22.23 35.87
C HIS C 85 -0.85 -20.78 36.19
N THR C 86 -0.66 -19.93 35.18
CA THR C 86 -1.05 -18.52 35.27
C THR C 86 -2.07 -18.22 34.17
N PHE C 87 -2.66 -17.03 34.25
CA PHE C 87 -3.74 -16.63 33.36
C PHE C 87 -3.40 -15.27 32.75
N ILE C 88 -3.56 -15.16 31.43
CA ILE C 88 -3.32 -13.91 30.72
C ILE C 88 -4.67 -13.27 30.44
N SER C 89 -4.88 -12.06 30.98
CA SER C 89 -6.16 -11.39 30.90
C SER C 89 -6.59 -11.20 29.44
N PRO C 90 -7.88 -11.25 29.16
CA PRO C 90 -8.34 -11.15 27.77
C PRO C 90 -8.30 -9.73 27.24
N ALA C 91 -7.90 -9.60 25.98
CA ALA C 91 -7.81 -8.30 25.33
C ALA C 91 -7.81 -8.50 23.82
N HIS C 92 -8.33 -7.50 23.11
CA HIS C 92 -8.26 -7.46 21.66
C HIS C 92 -7.28 -6.38 21.25
N PHE C 93 -6.69 -6.54 20.07
CA PHE C 93 -5.62 -5.67 19.62
C PHE C 93 -6.04 -4.88 18.38
N ASP C 94 -5.33 -3.75 18.18
CA ASP C 94 -5.53 -2.88 17.04
C ASP C 94 -4.69 -3.37 15.86
N ALA C 95 -4.48 -4.69 15.77
CA ALA C 95 -3.52 -5.22 14.81
C ALA C 95 -3.80 -6.69 14.56
N GLU C 96 -3.47 -7.14 13.35
CA GLU C 96 -3.45 -8.56 13.05
C GLU C 96 -2.29 -9.20 13.80
N LEU C 97 -2.57 -10.27 14.54
CA LEU C 97 -1.59 -10.87 15.44
C LEU C 97 -1.25 -12.28 14.98
N VAL C 98 0.04 -12.53 14.82
CA VAL C 98 0.58 -13.87 14.61
C VAL C 98 1.64 -14.12 15.68
N LEU C 99 1.54 -15.27 16.35
CA LEU C 99 2.43 -15.57 17.46
C LEU C 99 3.07 -16.94 17.27
N PHE C 100 4.14 -17.17 18.03
CA PHE C 100 4.89 -18.42 18.00
C PHE C 100 5.14 -18.86 19.44
N VAL C 101 4.93 -20.15 19.71
CA VAL C 101 5.13 -20.70 21.04
C VAL C 101 6.59 -21.12 21.18
N ALA C 102 7.36 -20.36 21.94
CA ALA C 102 8.79 -20.62 22.06
C ALA C 102 9.09 -21.70 23.10
N LYS C 103 8.36 -21.71 24.21
CA LYS C 103 8.62 -22.66 25.29
C LYS C 103 7.32 -23.03 25.97
N GLY C 104 7.28 -24.26 26.50
CA GLY C 104 6.16 -24.71 27.28
C GLY C 104 4.89 -24.95 26.46
N ARG C 105 3.84 -25.33 27.18
CA ARG C 105 2.52 -25.56 26.60
C ARG C 105 1.56 -24.48 27.08
N ALA C 106 0.46 -24.32 26.34
CA ALA C 106 -0.50 -23.27 26.64
C ALA C 106 -1.85 -23.62 26.02
N THR C 107 -2.88 -22.91 26.45
CA THR C 107 -4.23 -23.01 25.89
C THR C 107 -4.68 -21.63 25.49
N ILE C 108 -4.84 -21.41 24.18
CA ILE C 108 -5.26 -20.12 23.64
C ILE C 108 -6.75 -20.20 23.30
N THR C 109 -7.53 -19.26 23.81
CA THR C 109 -8.97 -19.22 23.60
C THR C 109 -9.33 -17.93 22.89
N MET C 110 -9.84 -18.05 21.67
CA MET C 110 -10.29 -16.90 20.89
C MET C 110 -11.81 -16.84 20.90
N VAL C 111 -12.35 -15.63 20.96
CA VAL C 111 -13.79 -15.40 21.01
C VAL C 111 -14.18 -14.68 19.73
N ARG C 112 -14.75 -15.43 18.79
CA ARG C 112 -15.20 -14.86 17.53
C ARG C 112 -16.65 -14.42 17.63
N GLU C 113 -17.37 -14.45 16.51
CA GLU C 113 -18.81 -14.14 16.52
C GLU C 113 -19.56 -15.38 16.99
N GLU C 114 -20.16 -15.28 18.18
CA GLU C 114 -20.87 -16.38 18.84
C GLU C 114 -19.94 -17.55 19.15
N LYS C 115 -19.29 -18.09 18.13
CA LYS C 115 -18.40 -19.23 18.32
C LYS C 115 -17.18 -18.83 19.14
N ARG C 116 -16.86 -19.66 20.14
CA ARG C 116 -15.70 -19.45 21.00
C ARG C 116 -14.73 -20.61 20.78
N GLU C 117 -13.64 -20.34 20.08
CA GLU C 117 -12.68 -21.38 19.72
C GLU C 117 -11.56 -21.44 20.76
N SER C 118 -11.30 -22.65 21.27
CA SER C 118 -10.17 -22.91 22.15
C SER C 118 -9.25 -23.91 21.47
N PHE C 119 -7.96 -23.60 21.42
CA PHE C 119 -6.99 -24.44 20.74
C PHE C 119 -5.87 -24.85 21.68
N ASN C 120 -5.52 -26.13 21.60
CA ASN C 120 -4.42 -26.68 22.40
C ASN C 120 -3.13 -26.57 21.62
N VAL C 121 -2.15 -25.84 22.17
CA VAL C 121 -0.90 -25.56 21.50
C VAL C 121 0.25 -26.10 22.31
N GLU C 122 1.41 -26.22 21.65
CA GLU C 122 2.62 -26.76 22.23
C GLU C 122 3.79 -25.92 21.75
N HIS C 123 4.98 -26.19 22.30
CA HIS C 123 6.20 -25.55 21.83
C HIS C 123 6.39 -25.82 20.34
N GLY C 124 6.32 -24.76 19.53
CA GLY C 124 6.47 -24.87 18.09
C GLY C 124 5.23 -24.50 17.31
N ASP C 125 4.10 -24.30 17.97
CA ASP C 125 2.85 -23.99 17.28
C ASP C 125 2.80 -22.53 16.86
N ILE C 126 2.07 -22.27 15.77
CA ILE C 126 1.88 -20.93 15.23
C ILE C 126 0.39 -20.69 15.06
N ILE C 127 -0.12 -19.60 15.60
CA ILE C 127 -1.53 -19.25 15.52
C ILE C 127 -1.66 -17.80 15.12
N ARG C 128 -2.59 -17.52 14.21
CA ARG C 128 -2.89 -16.15 13.78
C ARG C 128 -4.15 -15.67 14.50
N ILE C 129 -4.04 -14.55 15.20
CA ILE C 129 -5.17 -13.92 15.87
C ILE C 129 -5.65 -12.78 14.98
N PRO C 130 -6.84 -12.84 14.41
CA PRO C 130 -7.32 -11.74 13.55
C PRO C 130 -7.50 -10.47 14.36
N ALA C 131 -7.23 -9.35 13.71
CA ALA C 131 -7.31 -8.05 14.37
C ALA C 131 -8.70 -7.83 14.96
N GLY C 132 -8.73 -7.29 16.19
CA GLY C 132 -9.96 -6.99 16.85
C GLY C 132 -10.63 -8.16 17.57
N THR C 133 -10.11 -9.40 17.41
CA THR C 133 -10.84 -10.38 18.18
C THR C 133 -10.24 -10.51 19.59
N PRO C 134 -11.08 -10.75 20.59
CA PRO C 134 -10.57 -10.96 21.95
C PRO C 134 -9.90 -12.32 22.09
N VAL C 135 -8.84 -12.36 22.89
CA VAL C 135 -8.06 -13.58 23.08
C VAL C 135 -7.48 -13.58 24.48
N TYR C 136 -7.62 -14.72 25.17
CA TYR C 136 -6.94 -14.96 26.43
C TYR C 136 -6.33 -16.35 26.40
N MET C 137 -5.32 -16.55 27.24
CA MET C 137 -4.59 -17.81 27.26
C MET C 137 -4.03 -18.07 28.65
N ILE C 138 -3.63 -19.33 28.87
CA ILE C 138 -3.06 -19.76 30.14
C ILE C 138 -1.81 -20.56 29.88
N ASN C 139 -1.04 -20.79 30.94
CA ASN C 139 0.12 -21.67 30.92
C ASN C 139 -0.30 -22.99 31.55
N ARG C 140 -0.37 -24.05 30.73
CA ARG C 140 -0.87 -25.33 31.23
C ARG C 140 0.14 -26.00 32.14
N ASP C 141 1.42 -25.95 31.77
CA ASP C 141 2.43 -26.78 32.38
C ASP C 141 2.67 -26.37 33.83
N GLU C 142 3.20 -27.32 34.61
CA GLU C 142 3.29 -27.17 36.06
C GLU C 142 4.61 -26.59 36.54
N ASN C 143 5.70 -26.73 35.79
CA ASN C 143 7.00 -26.34 36.31
C ASN C 143 7.76 -25.39 35.38
N GLU C 144 7.81 -25.71 34.10
CA GLU C 144 8.46 -24.83 33.13
C GLU C 144 7.56 -23.65 32.80
N LYS C 145 8.18 -22.58 32.29
CA LYS C 145 7.46 -21.34 32.01
C LYS C 145 6.75 -21.40 30.67
N LEU C 146 6.42 -20.24 30.09
CA LEU C 146 5.75 -20.17 28.80
C LEU C 146 6.21 -18.92 28.08
N PHE C 147 6.79 -19.09 26.90
CA PHE C 147 7.30 -18.00 26.10
C PHE C 147 6.60 -17.96 24.75
N ILE C 148 6.12 -16.78 24.36
CA ILE C 148 5.38 -16.59 23.12
C ILE C 148 5.93 -15.35 22.42
N VAL C 149 6.21 -15.46 21.13
CA VAL C 149 6.75 -14.37 20.33
C VAL C 149 5.64 -13.89 19.39
N LYS C 150 5.14 -12.68 19.64
CA LYS C 150 4.06 -12.09 18.86
C LYS C 150 4.61 -11.09 17.85
N ILE C 151 4.04 -11.10 16.64
CA ILE C 151 4.28 -10.07 15.65
C ILE C 151 2.93 -9.49 15.24
N LEU C 152 2.84 -8.17 15.19
CA LEU C 152 1.57 -7.48 14.99
C LEU C 152 1.68 -6.50 13.82
N GLN C 153 0.70 -6.55 12.93
CA GLN C 153 0.59 -5.59 11.83
C GLN C 153 -0.56 -4.63 12.13
N PRO C 154 -0.28 -3.42 12.61
CA PRO C 154 -1.35 -2.51 13.01
C PRO C 154 -2.30 -2.17 11.87
N VAL C 155 -3.59 -2.28 12.15
CA VAL C 155 -4.61 -1.68 11.29
C VAL C 155 -4.75 -0.20 11.65
N SER C 156 -5.27 0.58 10.70
CA SER C 156 -5.43 2.03 10.82
C SER C 156 -4.04 2.65 10.98
N ALA C 157 -3.76 3.40 12.03
CA ALA C 157 -2.50 4.10 12.17
C ALA C 157 -1.32 3.13 12.10
N PRO C 158 -0.44 3.24 11.11
CA PRO C 158 0.64 2.27 10.97
C PRO C 158 1.73 2.46 12.03
N GLY C 159 2.31 1.34 12.45
CA GLY C 159 3.40 1.34 13.39
C GLY C 159 3.02 1.39 14.84
N HIS C 160 1.76 1.70 15.17
CA HIS C 160 1.31 1.83 16.54
C HIS C 160 0.11 0.92 16.77
N PHE C 161 0.21 0.07 17.79
CA PHE C 161 -0.90 -0.78 18.21
C PHE C 161 -1.09 -0.63 19.72
N GLU C 162 -2.29 -0.97 20.17
CA GLU C 162 -2.64 -0.91 21.58
C GLU C 162 -3.50 -2.11 21.93
N ALA C 163 -3.41 -2.52 23.19
CA ALA C 163 -4.24 -3.59 23.72
C ALA C 163 -5.44 -2.99 24.43
N PHE C 164 -6.64 -3.49 24.10
CA PHE C 164 -7.88 -3.01 24.69
C PHE C 164 -8.33 -4.01 25.75
N TYR C 165 -8.38 -3.58 27.00
CA TYR C 165 -8.71 -4.46 28.12
C TYR C 165 -10.16 -4.25 28.52
N GLY C 166 -10.92 -5.34 28.53
CA GLY C 166 -12.32 -5.32 28.94
C GLY C 166 -12.59 -5.79 30.35
N ALA C 167 -11.56 -5.96 31.18
CA ALA C 167 -11.73 -6.42 32.55
C ALA C 167 -10.75 -5.71 33.45
N GLY C 168 -11.20 -5.39 34.66
CA GLY C 168 -10.38 -4.71 35.64
C GLY C 168 -10.53 -3.19 35.58
N GLY C 169 -10.43 -2.56 36.74
CA GLY C 169 -10.62 -1.13 36.82
C GLY C 169 -9.41 -0.36 37.35
N GLU C 170 -8.45 -1.07 37.92
CA GLU C 170 -7.25 -0.42 38.44
C GLU C 170 -5.99 -1.04 37.85
N ASP C 171 -5.92 -2.36 37.87
CA ASP C 171 -4.78 -3.11 37.37
C ASP C 171 -4.63 -2.88 35.86
N PRO C 172 -5.54 -3.41 34.98
CA PRO C 172 -5.69 -2.77 33.68
C PRO C 172 -7.10 -2.21 33.55
N GLU C 173 -7.22 -0.88 33.45
CA GLU C 173 -8.54 -0.29 33.38
C GLU C 173 -9.35 -0.88 32.23
N SER C 174 -10.60 -1.23 32.53
CA SER C 174 -11.53 -1.60 31.48
C SER C 174 -11.89 -0.34 30.69
N PHE C 175 -11.83 -0.44 29.36
CA PHE C 175 -12.27 0.67 28.53
C PHE C 175 -13.71 1.09 28.85
N TYR C 176 -14.45 0.22 29.54
CA TYR C 176 -15.75 0.61 30.08
C TYR C 176 -15.62 1.81 31.01
N ARG C 177 -14.53 1.87 31.79
CA ARG C 177 -14.33 2.98 32.71
C ARG C 177 -14.12 4.30 32.00
N ALA C 178 -13.78 4.28 30.71
CA ALA C 178 -13.65 5.50 29.94
C ALA C 178 -15.00 6.12 29.58
N PHE C 179 -16.09 5.39 29.76
CA PHE C 179 -17.43 5.92 29.53
C PHE C 179 -17.96 6.56 30.82
N SER C 180 -18.91 7.48 30.65
CA SER C 180 -19.58 8.06 31.79
C SER C 180 -20.51 7.02 32.44
N TRP C 181 -20.88 7.27 33.69
CA TRP C 181 -21.72 6.32 34.41
C TRP C 181 -23.12 6.22 33.80
N GLU C 182 -23.66 7.35 33.32
CA GLU C 182 -24.99 7.33 32.73
C GLU C 182 -25.05 6.43 31.52
N VAL C 183 -23.97 6.41 30.72
CA VAL C 183 -23.94 5.58 29.52
C VAL C 183 -23.85 4.10 29.90
N LEU C 184 -22.98 3.76 30.85
CA LEU C 184 -22.87 2.38 31.29
C LEU C 184 -24.15 1.90 31.97
N GLU C 185 -24.73 2.76 32.83
CA GLU C 185 -26.00 2.41 33.47
C GLU C 185 -27.08 2.12 32.43
N ALA C 186 -27.13 2.92 31.36
CA ALA C 186 -28.16 2.74 30.35
C ALA C 186 -27.87 1.54 29.46
N ALA C 187 -26.60 1.33 29.11
CA ALA C 187 -26.26 0.24 28.19
C ALA C 187 -26.44 -1.12 28.86
N LEU C 188 -25.77 -1.33 30.00
CA LEU C 188 -25.81 -2.61 30.67
C LEU C 188 -27.06 -2.81 31.52
N LYS C 189 -27.77 -1.73 31.84
CA LYS C 189 -28.92 -1.77 32.75
C LYS C 189 -28.51 -2.37 34.10
N VAL C 190 -27.51 -1.75 34.71
CA VAL C 190 -26.94 -2.21 35.97
C VAL C 190 -26.73 -1.00 36.88
N ARG C 191 -26.90 -1.22 38.18
CA ARG C 191 -26.69 -0.17 39.17
C ARG C 191 -25.28 0.40 39.06
N ARG C 192 -25.16 1.71 39.32
CA ARG C 192 -23.87 2.37 39.26
C ARG C 192 -22.91 1.79 40.29
N GLU C 193 -23.37 1.57 41.52
CA GLU C 193 -22.49 1.04 42.55
C GLU C 193 -22.05 -0.39 42.25
N GLN C 194 -22.86 -1.15 41.52
CA GLN C 194 -22.45 -2.50 41.12
C GLN C 194 -21.38 -2.45 40.04
N LEU C 195 -21.43 -1.44 39.16
CA LEU C 195 -20.38 -1.28 38.16
C LEU C 195 -19.06 -0.90 38.82
N GLU C 196 -19.10 0.02 39.79
CA GLU C 196 -17.88 0.39 40.51
C GLU C 196 -17.29 -0.79 41.26
N LYS C 197 -18.13 -1.74 41.66
CA LYS C 197 -17.64 -2.90 42.41
C LYS C 197 -16.97 -3.92 41.50
N VAL C 198 -17.57 -4.21 40.34
CA VAL C 198 -17.03 -5.23 39.45
C VAL C 198 -15.72 -4.76 38.82
N PHE C 199 -15.74 -3.54 38.28
CA PHE C 199 -14.53 -3.01 37.63
C PHE C 199 -13.52 -2.53 38.66
N GLY C 200 -13.97 -1.76 39.65
CA GLY C 200 -13.09 -1.20 40.64
C GLY C 200 -12.41 -2.18 41.58
N GLU C 201 -12.26 -3.42 41.13
CA GLU C 201 -11.48 -4.44 41.82
C GLU C 201 -10.38 -4.92 40.87
N GLN C 202 -9.72 -6.01 41.27
CA GLN C 202 -8.63 -6.62 40.52
C GLN C 202 -7.46 -5.65 40.35
N SER C 203 -6.39 -5.88 41.11
CA SER C 203 -5.18 -5.07 41.02
C SER C 203 -3.93 -5.93 40.91
N LYS C 204 -4.07 -7.19 40.49
CA LYS C 204 -2.99 -8.17 40.55
C LYS C 204 -2.11 -8.12 39.30
N GLY C 205 -2.71 -8.28 38.13
CA GLY C 205 -1.94 -8.28 36.90
C GLY C 205 -2.79 -8.63 35.68
N SER C 206 -2.39 -8.15 34.50
CA SER C 206 -2.96 -8.75 33.30
C SER C 206 -2.47 -10.17 33.12
N ILE C 207 -1.54 -10.61 33.97
CA ILE C 207 -1.09 -12.00 34.05
C ILE C 207 -1.16 -12.37 35.52
N VAL C 208 -2.23 -13.07 35.92
CA VAL C 208 -2.43 -13.48 37.30
C VAL C 208 -2.22 -14.98 37.43
N LYS C 209 -2.12 -15.44 38.68
CA LYS C 209 -2.02 -16.86 38.98
C LYS C 209 -3.40 -17.50 39.04
N ALA C 210 -3.44 -18.80 38.81
CA ALA C 210 -4.69 -19.54 38.75
C ALA C 210 -4.70 -20.68 39.74
N SER C 211 -5.91 -21.11 40.12
CA SER C 211 -6.06 -22.29 40.94
C SER C 211 -5.71 -23.53 40.11
N ARG C 212 -5.44 -24.63 40.83
CA ARG C 212 -5.13 -25.88 40.14
C ARG C 212 -6.30 -26.37 39.30
N GLU C 213 -7.53 -26.12 39.77
CA GLU C 213 -8.71 -26.59 39.04
C GLU C 213 -9.04 -25.71 37.85
N LYS C 214 -8.88 -24.40 37.98
CA LYS C 214 -9.27 -23.49 36.90
C LYS C 214 -8.40 -23.67 35.66
N ILE C 215 -7.16 -24.11 35.82
CA ILE C 215 -6.31 -24.41 34.67
C ILE C 215 -6.84 -25.63 33.92
N ARG C 216 -7.32 -26.63 34.65
CA ARG C 216 -7.82 -27.84 34.02
C ARG C 216 -9.07 -27.57 33.19
N ALA C 217 -9.97 -26.72 33.71
CA ALA C 217 -11.25 -26.52 33.04
C ALA C 217 -11.08 -25.82 31.69
N LEU C 218 -10.11 -24.91 31.59
CA LEU C 218 -9.91 -24.17 30.36
C LEU C 218 -9.20 -24.98 29.28
N SER C 219 -8.40 -25.97 29.67
CA SER C 219 -7.69 -26.81 28.72
C SER C 219 -8.64 -27.76 27.99
N SER C 236 -7.35 -24.88 9.58
CA SER C 236 -7.87 -23.59 10.05
C SER C 236 -7.59 -23.39 11.53
N GLY C 237 -6.62 -24.13 12.05
CA GLY C 237 -6.24 -24.02 13.44
C GLY C 237 -4.77 -23.74 13.61
N PRO C 238 -4.20 -24.14 14.75
CA PRO C 238 -2.78 -23.91 14.98
C PRO C 238 -1.93 -24.75 14.05
N ILE C 239 -0.71 -24.27 13.81
CA ILE C 239 0.23 -24.90 12.88
C ILE C 239 1.55 -25.09 13.60
N ASN C 240 2.00 -26.34 13.71
CA ASN C 240 3.27 -26.66 14.36
C ASN C 240 4.39 -26.64 13.33
N LEU C 241 5.36 -25.75 13.53
CA LEU C 241 6.46 -25.62 12.59
C LEU C 241 7.53 -26.69 12.80
N LEU C 242 7.76 -27.08 14.05
CA LEU C 242 8.81 -28.06 14.34
C LEU C 242 8.44 -29.44 13.82
N HIS C 243 7.20 -29.87 14.06
CA HIS C 243 6.73 -31.18 13.62
C HIS C 243 6.34 -31.11 12.15
N LYS C 244 7.36 -31.04 11.30
CA LYS C 244 7.16 -30.90 9.87
C LYS C 244 8.46 -31.28 9.15
N HIS C 245 8.32 -31.77 7.92
CA HIS C 245 9.47 -32.12 7.12
C HIS C 245 10.34 -30.89 6.88
N PRO C 246 11.60 -30.90 7.33
CA PRO C 246 12.44 -29.70 7.17
C PRO C 246 12.75 -29.44 5.71
N SER C 247 12.65 -28.16 5.31
CA SER C 247 13.03 -27.79 3.96
C SER C 247 14.51 -27.99 3.71
N GLN C 248 15.33 -27.87 4.75
CA GLN C 248 16.76 -28.17 4.70
C GLN C 248 17.08 -29.13 5.82
N SER C 249 17.77 -30.22 5.50
CA SER C 249 18.07 -31.27 6.48
C SER C 249 19.50 -31.74 6.29
N ASN C 250 20.34 -31.44 7.29
CA ASN C 250 21.70 -31.95 7.34
C ASN C 250 22.20 -31.83 8.77
N GLN C 251 23.38 -32.40 9.02
CA GLN C 251 23.92 -32.41 10.38
C GLN C 251 24.35 -31.03 10.85
N PHE C 252 24.54 -30.07 9.94
CA PHE C 252 24.95 -28.74 10.31
C PHE C 252 23.78 -27.80 10.63
N GLY C 253 22.55 -28.21 10.34
CA GLY C 253 21.41 -27.38 10.62
C GLY C 253 20.08 -27.97 10.20
N ARG C 254 19.01 -27.61 10.92
CA ARG C 254 17.65 -28.03 10.59
C ARG C 254 16.81 -26.78 10.39
N LEU C 255 16.27 -26.61 9.19
CA LEU C 255 15.50 -25.42 8.82
C LEU C 255 14.05 -25.81 8.61
N TYR C 256 13.16 -25.23 9.42
CA TYR C 256 11.73 -25.42 9.29
C TYR C 256 11.09 -24.09 8.91
N GLU C 257 10.26 -24.11 7.87
CA GLU C 257 9.63 -22.89 7.38
C GLU C 257 8.20 -23.18 6.95
N ALA C 258 7.34 -22.20 7.12
CA ALA C 258 5.92 -22.28 6.75
C ALA C 258 5.61 -21.09 5.83
N HIS C 259 5.53 -21.36 4.52
CA HIS C 259 5.33 -20.30 3.55
C HIS C 259 3.84 -19.98 3.41
N PRO C 260 3.50 -18.71 3.18
CA PRO C 260 2.07 -18.34 3.14
C PRO C 260 1.28 -19.02 2.04
N ASP C 261 1.91 -19.51 0.97
CA ASP C 261 1.15 -20.25 -0.04
C ASP C 261 0.64 -21.57 0.51
N ASP C 262 1.39 -22.19 1.43
CA ASP C 262 0.99 -23.49 1.97
C ASP C 262 -0.14 -23.36 2.97
N HIS C 263 -0.12 -22.31 3.81
CA HIS C 263 -1.10 -22.12 4.86
C HIS C 263 -1.79 -20.78 4.69
N LYS C 264 -3.12 -20.80 4.61
CA LYS C 264 -3.89 -19.57 4.40
C LYS C 264 -3.83 -18.64 5.61
N GLN C 265 -3.47 -19.15 6.79
CA GLN C 265 -3.38 -18.30 7.97
C GLN C 265 -2.35 -17.19 7.77
N LEU C 266 -1.22 -17.52 7.15
CA LEU C 266 -0.15 -16.56 6.92
C LEU C 266 -0.29 -15.81 5.60
N GLN C 267 -1.23 -16.23 4.73
CA GLN C 267 -1.37 -15.58 3.44
C GLN C 267 -2.02 -14.20 3.56
N ASP C 268 -2.89 -14.01 4.55
CA ASP C 268 -3.57 -12.72 4.70
C ASP C 268 -2.58 -11.61 5.02
N LEU C 269 -1.45 -11.93 5.64
CA LEU C 269 -0.44 -10.94 5.97
C LEU C 269 0.78 -11.00 5.05
N ASP C 270 0.87 -12.01 4.19
CA ASP C 270 2.03 -12.22 3.33
C ASP C 270 3.31 -12.27 4.16
N LEU C 271 3.37 -13.27 5.04
CA LEU C 271 4.41 -13.37 6.05
C LEU C 271 4.75 -14.84 6.26
N MET C 272 6.03 -15.18 6.10
CA MET C 272 6.50 -16.54 6.32
C MET C 272 7.24 -16.61 7.65
N VAL C 273 6.91 -17.64 8.45
CA VAL C 273 7.61 -17.93 9.69
C VAL C 273 8.58 -19.08 9.42
N SER C 274 9.84 -18.88 9.82
CA SER C 274 10.87 -19.91 9.62
C SER C 274 11.70 -20.03 10.88
N PHE C 275 12.03 -21.26 11.24
CA PHE C 275 12.85 -21.57 12.40
C PHE C 275 14.10 -22.32 11.96
N ALA C 276 15.22 -22.02 12.60
CA ALA C 276 16.51 -22.61 12.25
C ALA C 276 17.19 -23.13 13.51
N ASN C 277 17.52 -24.42 13.50
CA ASN C 277 18.29 -25.05 14.57
C ASN C 277 19.71 -25.27 14.06
N ILE C 278 20.64 -24.46 14.54
CA ILE C 278 22.02 -24.50 14.08
C ILE C 278 22.83 -25.43 14.97
N THR C 279 23.58 -26.33 14.35
CA THR C 279 24.51 -27.18 15.09
C THR C 279 25.64 -26.33 15.65
N LYS C 280 26.12 -26.69 16.83
CA LYS C 280 27.21 -25.95 17.46
C LYS C 280 28.43 -25.91 16.55
N GLY C 281 29.06 -24.74 16.47
CA GLY C 281 30.18 -24.52 15.58
C GLY C 281 29.82 -24.38 14.12
N SER C 282 28.64 -24.82 13.70
CA SER C 282 28.21 -24.70 12.32
C SER C 282 27.77 -23.28 12.02
N MET C 283 27.41 -23.03 10.77
CA MET C 283 27.02 -21.70 10.34
C MET C 283 25.94 -21.80 9.27
N ALA C 284 25.16 -20.72 9.15
CA ALA C 284 24.24 -20.54 8.03
C ALA C 284 24.98 -19.74 6.97
N GLY C 285 25.30 -20.40 5.85
CA GLY C 285 26.10 -19.81 4.81
C GLY C 285 25.58 -18.47 4.32
N PRO C 286 26.47 -17.64 3.79
CA PRO C 286 26.03 -16.33 3.27
C PRO C 286 25.00 -16.50 2.17
N TYR C 287 23.90 -15.76 2.32
CA TYR C 287 22.80 -15.83 1.36
C TYR C 287 22.00 -14.54 1.48
N TYR C 288 20.96 -14.43 0.65
CA TYR C 288 20.05 -13.30 0.73
C TYR C 288 18.70 -13.71 0.16
N ASN C 289 17.67 -12.98 0.56
CA ASN C 289 16.32 -13.23 0.09
C ASN C 289 16.03 -12.41 -1.14
N SER C 290 15.28 -13.00 -2.08
CA SER C 290 14.93 -12.31 -3.32
C SER C 290 14.08 -11.08 -3.03
N ARG C 291 13.06 -11.23 -2.18
CA ARG C 291 12.11 -10.17 -1.92
C ARG C 291 11.80 -9.97 -0.43
N ALA C 292 11.95 -10.98 0.39
CA ALA C 292 11.54 -10.90 1.78
C ALA C 292 12.60 -10.23 2.64
N THR C 293 12.15 -9.57 3.70
CA THR C 293 13.02 -9.00 4.72
C THR C 293 12.94 -9.86 5.97
N LYS C 294 14.09 -10.28 6.48
CA LYS C 294 14.14 -11.26 7.55
C LYS C 294 14.22 -10.55 8.90
N ILE C 295 13.25 -10.83 9.77
CA ILE C 295 13.26 -10.36 11.16
C ILE C 295 13.55 -11.57 12.03
N SER C 296 14.79 -11.74 12.44
CA SER C 296 15.21 -12.92 13.17
C SER C 296 15.37 -12.60 14.66
N VAL C 297 14.85 -13.49 15.50
CA VAL C 297 14.94 -13.37 16.95
C VAL C 297 15.57 -14.64 17.49
N VAL C 298 16.55 -14.47 18.38
CA VAL C 298 17.26 -15.62 18.96
C VAL C 298 16.45 -16.18 20.11
N VAL C 299 16.07 -17.45 20.00
CA VAL C 299 15.30 -18.11 21.06
C VAL C 299 16.22 -18.61 22.16
N GLU C 300 17.31 -19.27 21.78
CA GLU C 300 18.24 -19.84 22.75
C GLU C 300 19.59 -20.05 22.07
N GLY C 301 20.67 -19.75 22.79
CA GLY C 301 22.01 -19.96 22.30
C GLY C 301 22.71 -18.66 21.96
N GLU C 302 23.97 -18.80 21.57
CA GLU C 302 24.82 -17.69 21.17
C GLU C 302 25.43 -17.98 19.81
N GLY C 303 26.05 -16.95 19.24
CA GLY C 303 26.69 -17.06 17.95
C GLY C 303 27.26 -15.73 17.48
N PHE C 304 26.95 -15.35 16.23
CA PHE C 304 27.21 -14.02 15.67
C PHE C 304 26.83 -14.00 14.20
N PHE C 305 26.43 -12.83 13.69
CA PHE C 305 26.04 -12.69 12.29
C PHE C 305 26.76 -11.51 11.67
N GLU C 306 26.85 -11.55 10.34
CA GLU C 306 27.45 -10.48 9.56
C GLU C 306 26.57 -10.17 8.35
N MET C 307 26.63 -8.93 7.88
CA MET C 307 25.76 -8.49 6.80
C MET C 307 26.43 -7.34 6.06
N ALA C 308 26.22 -7.30 4.74
CA ALA C 308 26.72 -6.23 3.89
C ALA C 308 25.57 -5.28 3.54
N CYS C 309 25.77 -4.00 3.81
CA CYS C 309 24.73 -2.98 3.58
C CYS C 309 25.33 -1.81 2.81
N PRO C 310 25.05 -1.70 1.51
CA PRO C 310 25.61 -0.58 0.73
C PRO C 310 25.14 0.79 1.21
N HIS C 311 24.08 0.86 2.01
CA HIS C 311 23.61 2.14 2.53
C HIS C 311 24.56 2.70 3.58
N LEU C 312 25.26 1.84 4.30
CA LEU C 312 26.16 2.25 5.39
C LEU C 312 27.59 1.94 4.97
N SER C 313 28.21 2.88 4.26
CA SER C 313 29.60 2.76 3.82
C SER C 313 30.05 4.13 3.36
N SER C 314 31.32 4.21 2.95
CA SER C 314 31.90 5.42 2.39
C SER C 314 32.06 5.23 0.88
N SER C 315 30.92 5.16 0.18
CA SER C 315 30.87 4.94 -1.26
C SER C 315 31.59 3.66 -1.66
N GLN C 320 31.51 -1.62 4.31
CA GLN C 320 30.16 -1.68 4.86
C GLN C 320 30.00 -2.84 5.82
N LYS C 321 30.99 -3.03 6.70
CA LYS C 321 30.99 -4.15 7.63
C LYS C 321 29.96 -3.93 8.72
N ILE C 322 28.96 -4.81 8.78
CA ILE C 322 27.91 -4.77 9.78
C ILE C 322 27.83 -6.14 10.45
N SER C 323 28.07 -6.18 11.76
CA SER C 323 28.07 -7.43 12.49
C SER C 323 27.65 -7.18 13.94
N ALA C 324 27.26 -8.26 14.62
CA ALA C 324 26.87 -8.19 16.02
C ALA C 324 27.18 -9.51 16.69
N ARG C 325 27.10 -9.52 18.02
CA ARG C 325 27.50 -10.70 18.79
C ARG C 325 26.39 -11.76 18.84
N LEU C 326 25.13 -11.36 18.74
CA LEU C 326 24.01 -12.30 18.69
C LEU C 326 23.94 -13.21 19.91
N ARG C 327 23.27 -12.76 20.96
CA ARG C 327 22.94 -13.60 22.10
C ARG C 327 21.43 -13.72 22.21
N ARG C 328 20.98 -14.56 23.14
CA ARG C 328 19.55 -14.84 23.27
C ARG C 328 18.79 -13.58 23.66
N GLY C 329 17.71 -13.32 22.94
CA GLY C 329 16.89 -12.15 23.19
C GLY C 329 17.24 -10.93 22.36
N VAL C 330 17.94 -11.11 21.25
CA VAL C 330 18.37 -10.02 20.39
C VAL C 330 17.69 -10.18 19.03
N VAL C 331 17.19 -9.07 18.48
CA VAL C 331 16.51 -9.06 17.20
C VAL C 331 17.40 -8.31 16.20
N PHE C 332 17.64 -8.93 15.04
CA PHE C 332 18.38 -8.30 13.97
C PHE C 332 17.61 -8.45 12.67
N VAL C 333 17.50 -7.35 11.92
CA VAL C 333 16.70 -7.30 10.70
C VAL C 333 17.61 -7.47 9.49
N ALA C 334 17.28 -8.45 8.65
CA ALA C 334 18.00 -8.68 7.40
C ALA C 334 17.12 -8.25 6.24
N PRO C 335 17.34 -7.06 5.67
CA PRO C 335 16.48 -6.60 4.56
C PRO C 335 16.63 -7.49 3.33
N ALA C 336 15.76 -7.24 2.36
CA ALA C 336 15.78 -8.00 1.12
C ALA C 336 16.99 -7.61 0.28
N GLY C 337 17.60 -8.61 -0.35
CA GLY C 337 18.80 -8.40 -1.15
C GLY C 337 20.07 -8.19 -0.37
N HIS C 338 20.00 -8.11 0.95
CA HIS C 338 21.20 -7.95 1.75
C HIS C 338 21.83 -9.30 2.03
N PRO C 339 23.10 -9.52 1.67
CA PRO C 339 23.76 -10.79 1.98
C PRO C 339 24.05 -10.91 3.47
N VAL C 340 23.51 -11.96 4.09
CA VAL C 340 23.65 -12.17 5.52
C VAL C 340 24.14 -13.60 5.76
N ALA C 341 24.97 -13.75 6.80
CA ALA C 341 25.48 -15.06 7.21
C ALA C 341 25.41 -15.15 8.73
N VAL C 342 24.93 -16.29 9.22
CA VAL C 342 24.75 -16.52 10.64
C VAL C 342 25.66 -17.67 11.05
N ILE C 343 26.46 -17.45 12.09
CA ILE C 343 27.40 -18.45 12.60
C ILE C 343 27.13 -18.65 14.08
N ALA C 344 27.15 -19.91 14.51
CA ALA C 344 26.93 -20.26 15.92
C ALA C 344 28.25 -20.59 16.59
N SER C 345 28.29 -20.42 17.91
CA SER C 345 29.46 -20.76 18.68
C SER C 345 29.62 -22.27 18.76
N GLN C 346 30.86 -22.70 19.03
CA GLN C 346 31.18 -24.13 19.12
C GLN C 346 30.70 -24.76 20.41
N ASN C 347 30.10 -24.01 21.32
CA ASN C 347 29.70 -24.54 22.62
C ASN C 347 28.28 -25.11 22.60
N ASN C 348 27.32 -24.35 22.07
CA ASN C 348 25.92 -24.76 22.09
C ASN C 348 25.30 -24.47 20.73
N ASN C 349 24.01 -24.84 20.60
CA ASN C 349 23.27 -24.62 19.37
C ASN C 349 22.89 -23.15 19.24
N LEU C 350 22.18 -22.82 18.15
CA LEU C 350 21.67 -21.47 17.91
C LEU C 350 20.28 -21.62 17.28
N GLN C 351 19.27 -21.65 18.13
CA GLN C 351 17.88 -21.76 17.69
C GLN C 351 17.32 -20.36 17.52
N VAL C 352 17.13 -19.94 16.26
CA VAL C 352 16.71 -18.58 15.93
C VAL C 352 15.40 -18.65 15.16
N LEU C 353 14.47 -17.76 15.50
CA LEU C 353 13.19 -17.65 14.82
C LEU C 353 13.22 -16.46 13.88
N CYS C 354 12.78 -16.67 12.64
CA CYS C 354 12.79 -15.63 11.62
C CYS C 354 11.37 -15.36 11.15
N PHE C 355 11.05 -14.07 10.96
CA PHE C 355 9.81 -13.64 10.33
C PHE C 355 10.15 -13.03 8.98
N GLU C 356 9.61 -13.63 7.92
CA GLU C 356 9.94 -13.24 6.54
C GLU C 356 8.77 -12.44 5.98
N VAL C 357 8.86 -11.12 6.10
CA VAL C 357 7.81 -10.23 5.57
C VAL C 357 7.95 -10.15 4.05
N ASN C 358 6.81 -10.11 3.36
CA ASN C 358 6.75 -10.14 1.90
C ASN C 358 7.38 -11.43 1.37
N ALA C 359 6.69 -12.53 1.63
CA ALA C 359 7.22 -13.85 1.35
C ALA C 359 6.81 -14.39 -0.02
N HIS C 360 5.66 -13.98 -0.54
CA HIS C 360 5.20 -14.48 -1.83
C HIS C 360 6.16 -14.05 -2.93
N GLY C 361 6.70 -15.03 -3.66
CA GLY C 361 7.68 -14.77 -4.69
C GLY C 361 9.12 -14.75 -4.21
N ASN C 362 9.35 -14.92 -2.92
CA ASN C 362 10.72 -14.93 -2.41
C ASN C 362 11.45 -16.20 -2.84
N SER C 363 12.76 -16.08 -2.98
CA SER C 363 13.60 -17.21 -3.39
C SER C 363 14.96 -17.03 -2.75
N ARG C 364 15.31 -17.92 -1.83
CA ARG C 364 16.59 -17.83 -1.15
C ARG C 364 17.72 -18.12 -2.12
N PHE C 365 18.63 -17.16 -2.28
CA PHE C 365 19.78 -17.33 -3.15
C PHE C 365 21.02 -17.56 -2.30
N PRO C 366 21.61 -18.76 -2.31
CA PRO C 366 22.81 -19.00 -1.52
C PRO C 366 24.05 -18.49 -2.23
N LEU C 367 24.75 -17.55 -1.60
CA LEU C 367 26.01 -17.05 -2.12
C LEU C 367 27.10 -18.10 -2.10
N ALA C 368 26.87 -19.24 -1.44
CA ALA C 368 27.90 -20.24 -1.21
C ALA C 368 27.23 -21.56 -0.90
N GLY C 369 27.44 -22.56 -1.73
CA GLY C 369 26.87 -23.87 -1.48
C GLY C 369 26.65 -24.62 -2.78
N LYS C 370 25.89 -25.72 -2.66
CA LYS C 370 25.59 -26.56 -3.82
C LYS C 370 24.89 -25.76 -4.91
N GLY C 371 23.86 -24.99 -4.54
CA GLY C 371 23.17 -24.15 -5.49
C GLY C 371 23.69 -22.74 -5.51
N ASN C 372 25.01 -22.58 -5.37
CA ASN C 372 25.62 -21.26 -5.38
C ASN C 372 25.23 -20.48 -6.62
N ILE C 373 24.87 -19.21 -6.42
CA ILE C 373 24.36 -18.39 -7.52
C ILE C 373 25.46 -18.00 -8.50
N VAL C 374 26.72 -18.08 -8.09
CA VAL C 374 27.81 -17.60 -8.94
C VAL C 374 28.29 -18.68 -9.90
N ASN C 375 28.45 -19.91 -9.45
CA ASN C 375 28.91 -20.97 -10.34
C ASN C 375 27.87 -21.39 -11.37
N GLU C 376 26.66 -20.82 -11.31
CA GLU C 376 25.64 -21.06 -12.33
C GLU C 376 25.82 -20.15 -13.54
N PHE C 377 26.79 -19.23 -13.51
CA PHE C 377 27.02 -18.33 -14.62
C PHE C 377 27.56 -19.10 -15.82
N GLU C 378 27.74 -18.38 -16.93
CA GLU C 378 28.41 -18.95 -18.09
C GLU C 378 29.92 -18.84 -17.91
N ARG C 379 30.65 -19.72 -18.61
CA ARG C 379 32.09 -19.78 -18.43
C ARG C 379 32.78 -18.49 -18.86
N ASP C 380 32.21 -17.78 -19.84
CA ASP C 380 32.80 -16.53 -20.30
C ASP C 380 32.46 -15.37 -19.38
N ALA C 381 31.29 -15.39 -18.75
CA ALA C 381 30.88 -14.28 -17.89
C ALA C 381 31.73 -14.21 -16.63
N LYS C 382 32.15 -15.35 -16.09
CA LYS C 382 33.00 -15.36 -14.92
C LYS C 382 34.37 -14.77 -15.22
N GLU C 383 34.83 -14.89 -16.47
CA GLU C 383 36.13 -14.34 -16.84
C GLU C 383 36.08 -12.82 -16.92
N LEU C 384 35.07 -12.27 -17.58
CA LEU C 384 34.96 -10.82 -17.73
C LEU C 384 34.67 -10.13 -16.41
N ALA C 385 34.00 -10.82 -15.48
CA ALA C 385 33.61 -10.19 -14.23
C ALA C 385 34.83 -9.99 -13.32
N PHE C 386 35.58 -11.07 -13.05
CA PHE C 386 36.72 -11.01 -12.16
C PHE C 386 38.00 -10.59 -12.87
N ASN C 387 38.00 -10.48 -14.19
CA ASN C 387 39.19 -10.18 -14.97
C ASN C 387 40.29 -11.22 -14.71
N LEU C 388 39.89 -12.49 -14.78
CA LEU C 388 40.78 -13.62 -14.53
C LEU C 388 40.31 -14.79 -15.40
N PRO C 389 41.22 -15.70 -15.77
CA PRO C 389 40.82 -16.84 -16.59
C PRO C 389 39.72 -17.67 -15.93
N SER C 390 39.06 -18.50 -16.75
CA SER C 390 37.87 -19.22 -16.32
C SER C 390 38.21 -20.21 -15.20
N ARG C 391 39.05 -21.20 -15.51
CA ARG C 391 39.34 -22.26 -14.53
C ARG C 391 40.00 -21.72 -13.28
N GLU C 392 40.73 -20.60 -13.39
CA GLU C 392 41.37 -20.03 -12.21
C GLU C 392 40.35 -19.52 -11.20
N VAL C 393 39.17 -19.12 -11.65
CA VAL C 393 38.11 -18.67 -10.76
C VAL C 393 36.95 -19.65 -10.68
N GLU C 394 36.88 -20.65 -11.57
CA GLU C 394 35.83 -21.65 -11.50
C GLU C 394 35.97 -22.54 -10.27
N ARG C 395 37.17 -22.68 -9.73
CA ARG C 395 37.42 -23.62 -8.63
C ARG C 395 36.89 -23.11 -7.29
N ILE C 396 36.80 -21.79 -7.11
CA ILE C 396 36.43 -21.24 -5.81
C ILE C 396 35.02 -21.67 -5.42
N PHE C 397 34.08 -21.60 -6.35
CA PHE C 397 32.69 -21.89 -6.06
C PHE C 397 32.32 -23.36 -6.26
N LYS C 398 33.21 -24.15 -6.86
CA LYS C 398 32.96 -25.57 -7.06
C LYS C 398 33.41 -26.44 -5.90
N ASN C 399 34.10 -25.86 -4.92
CA ASN C 399 34.75 -26.68 -3.89
C ASN C 399 33.73 -27.23 -2.90
N GLN C 400 32.78 -26.41 -2.46
CA GLN C 400 31.81 -26.85 -1.47
C GLN C 400 30.80 -27.81 -2.09
N ASP C 401 30.25 -28.69 -1.25
CA ASP C 401 29.22 -29.62 -1.66
C ASP C 401 27.99 -29.63 -0.75
N GLN C 402 28.09 -29.09 0.47
CA GLN C 402 26.96 -29.07 1.39
C GLN C 402 25.92 -28.06 0.92
N ALA C 403 24.79 -28.02 1.63
CA ALA C 403 23.66 -27.17 1.28
C ALA C 403 23.34 -26.25 2.45
N PHE C 404 23.34 -24.94 2.17
CA PHE C 404 22.91 -23.91 3.11
C PHE C 404 23.74 -23.88 4.39
N PHE C 405 23.68 -24.95 5.18
CA PHE C 405 24.38 -24.99 6.46
C PHE C 405 25.80 -25.51 6.28
N PHE C 406 26.74 -24.86 6.95
CA PHE C 406 28.16 -25.16 6.85
C PHE C 406 28.79 -25.04 8.22
N PRO C 407 29.99 -25.58 8.41
CA PRO C 407 30.71 -25.37 9.67
C PRO C 407 31.61 -24.16 9.61
N GLY C 408 31.70 -23.46 10.75
CA GLY C 408 32.48 -22.24 10.83
C GLY C 408 33.68 -22.32 11.74
#